data_2C6B
#
_entry.id   2C6B
#
_cell.length_a   1.000
_cell.length_b   1.000
_cell.length_c   1.000
_cell.angle_alpha   90.00
_cell.angle_beta   90.00
_cell.angle_gamma   90.00
#
_symmetry.space_group_name_H-M   'P 1'
#
loop_
_entity.id
_entity.type
_entity.pdbx_description
1 polymer 'UBIQUITIN-PROTEIN LIGASE E3 MDM2'
2 non-polymer 'ZINC ION'
#
_entity_poly.entity_id   1
_entity_poly.type   'polypeptide(L)'
_entity_poly.pdbx_seq_one_letter_code
;SFEEDPEISLADYWKCTSCNEMNPPLPSHCNRCWALRENWLPEDKG
;
_entity_poly.pdbx_strand_id   A
#
loop_
_chem_comp.id
_chem_comp.type
_chem_comp.name
_chem_comp.formula
ZN non-polymer 'ZINC ION' 'Zn 2'
#
# COMPACT_ATOMS: atom_id res chain seq x y z
N SER A 1 -0.32 -7.12 7.43
CA SER A 1 -1.52 -7.53 8.20
C SER A 1 -2.81 -7.13 7.48
N PHE A 2 -3.31 -8.00 6.63
CA PHE A 2 -4.52 -7.73 5.88
C PHE A 2 -5.76 -8.18 6.65
N GLU A 3 -5.60 -9.25 7.45
CA GLU A 3 -6.69 -9.78 8.24
C GLU A 3 -6.71 -9.16 9.64
N GLU A 4 -7.70 -8.32 9.90
CA GLU A 4 -7.84 -7.66 11.18
C GLU A 4 -6.60 -6.82 11.50
N ASP A 5 -6.73 -5.50 11.35
CA ASP A 5 -5.62 -4.60 11.62
C ASP A 5 -6.12 -3.31 12.27
N PRO A 6 -6.20 -3.28 13.61
CA PRO A 6 -6.67 -2.10 14.35
C PRO A 6 -5.68 -0.94 14.26
N GLU A 7 -4.40 -1.27 14.11
CA GLU A 7 -3.36 -0.25 14.00
C GLU A 7 -3.58 0.62 12.78
N ILE A 8 -3.32 0.06 11.61
CA ILE A 8 -3.48 0.78 10.35
C ILE A 8 -4.96 0.96 10.02
N SER A 9 -5.25 1.98 9.19
CA SER A 9 -6.61 2.26 8.79
C SER A 9 -6.84 1.88 7.32
N LEU A 10 -8.10 1.84 6.92
CA LEU A 10 -8.45 1.49 5.54
C LEU A 10 -8.41 2.71 4.63
N ALA A 11 -8.67 3.88 5.21
CA ALA A 11 -8.68 5.13 4.45
C ALA A 11 -7.30 5.46 3.89
N ASP A 12 -6.26 4.91 4.52
CA ASP A 12 -4.89 5.16 4.07
C ASP A 12 -4.47 4.21 2.96
N TYR A 13 -5.28 3.19 2.70
CA TYR A 13 -4.99 2.20 1.67
C TYR A 13 -4.64 2.87 0.34
N TRP A 14 -4.23 2.06 -0.63
CA TRP A 14 -3.88 2.55 -1.95
C TRP A 14 -4.46 1.65 -3.04
N LYS A 15 -4.59 2.20 -4.24
CA LYS A 15 -5.13 1.45 -5.37
C LYS A 15 -4.02 0.94 -6.28
N CYS A 16 -4.04 -0.37 -6.55
CA CYS A 16 -3.04 -0.98 -7.42
C CYS A 16 -3.07 -0.36 -8.81
N THR A 17 -1.93 0.10 -9.28
CA THR A 17 -1.81 0.73 -10.59
C THR A 17 -1.97 -0.27 -11.75
N SER A 18 -2.18 -1.55 -11.43
CA SER A 18 -2.33 -2.56 -12.47
C SER A 18 -3.71 -3.19 -12.41
N CYS A 19 -4.03 -3.78 -11.26
CA CYS A 19 -5.31 -4.44 -11.07
C CYS A 19 -6.33 -3.54 -10.39
N ASN A 20 -5.87 -2.43 -9.81
CA ASN A 20 -6.75 -1.49 -9.12
C ASN A 20 -7.45 -2.14 -7.93
N GLU A 21 -6.67 -2.54 -6.94
CA GLU A 21 -7.21 -3.16 -5.73
C GLU A 21 -6.87 -2.32 -4.50
N MET A 22 -7.54 -2.60 -3.39
CA MET A 22 -7.31 -1.87 -2.16
C MET A 22 -6.34 -2.61 -1.24
N ASN A 23 -5.09 -2.15 -1.22
CA ASN A 23 -4.07 -2.78 -0.38
C ASN A 23 -3.63 -1.83 0.74
N PRO A 24 -3.42 -2.37 1.95
CA PRO A 24 -2.99 -1.55 3.10
C PRO A 24 -1.66 -0.87 2.85
N PRO A 25 -1.41 0.28 3.50
CA PRO A 25 -0.15 1.03 3.34
C PRO A 25 1.07 0.13 3.48
N LEU A 26 0.92 -0.96 4.23
CA LEU A 26 2.01 -1.90 4.44
C LEU A 26 1.51 -3.34 4.30
N PRO A 27 2.12 -4.14 3.40
CA PRO A 27 3.23 -3.71 2.55
C PRO A 27 2.77 -2.90 1.36
N SER A 28 3.69 -2.15 0.76
CA SER A 28 3.36 -1.33 -0.40
C SER A 28 3.34 -2.15 -1.69
N HIS A 29 2.66 -3.29 -1.66
CA HIS A 29 2.57 -4.16 -2.82
C HIS A 29 1.26 -4.95 -2.80
N CYS A 30 0.60 -5.04 -3.97
CA CYS A 30 -0.65 -5.76 -4.08
C CYS A 30 -0.49 -7.23 -3.69
N ASN A 31 -1.23 -7.64 -2.66
CA ASN A 31 -1.17 -9.01 -2.19
C ASN A 31 -1.87 -9.98 -3.15
N ARG A 32 -2.52 -9.42 -4.17
CA ARG A 32 -3.22 -10.24 -5.15
C ARG A 32 -2.39 -10.45 -6.41
N CYS A 33 -2.15 -9.37 -7.15
CA CYS A 33 -1.36 -9.45 -8.38
C CYS A 33 0.14 -9.24 -8.12
N TRP A 34 0.49 -8.84 -6.89
CA TRP A 34 1.88 -8.60 -6.55
C TRP A 34 2.44 -7.41 -7.32
N ALA A 35 1.97 -6.21 -6.97
CA ALA A 35 2.41 -5.00 -7.62
C ALA A 35 2.74 -3.90 -6.61
N LEU A 36 3.98 -3.44 -6.63
CA LEU A 36 4.41 -2.39 -5.72
C LEU A 36 3.87 -1.03 -6.15
N ARG A 37 3.69 -0.13 -5.19
CA ARG A 37 3.18 1.20 -5.48
C ARG A 37 4.07 1.92 -6.49
N GLU A 38 3.63 3.09 -6.93
CA GLU A 38 4.39 3.88 -7.91
C GLU A 38 5.35 4.83 -7.20
N ASN A 39 4.93 5.32 -6.04
CA ASN A 39 5.76 6.25 -5.26
C ASN A 39 5.93 5.75 -3.83
N TRP A 40 6.99 5.00 -3.58
CA TRP A 40 7.26 4.46 -2.25
C TRP A 40 8.64 4.89 -1.77
N LEU A 41 9.62 4.81 -2.67
CA LEU A 41 10.99 5.20 -2.33
C LEU A 41 11.10 6.71 -2.16
N PRO A 42 11.66 7.17 -1.02
CA PRO A 42 11.82 8.60 -0.76
C PRO A 42 12.90 9.23 -1.62
N GLU A 43 12.49 10.10 -2.54
CA GLU A 43 13.43 10.76 -3.43
C GLU A 43 14.14 11.91 -2.71
N ASP A 44 15.00 12.61 -3.43
CA ASP A 44 15.75 13.73 -2.85
C ASP A 44 14.80 14.87 -2.47
N LYS A 45 14.74 15.17 -1.18
CA LYS A 45 13.88 16.25 -0.68
C LYS A 45 14.71 17.37 -0.06
N GLY A 46 14.23 18.60 -0.22
CA GLY A 46 14.94 19.74 0.33
C GLY A 46 14.44 20.12 1.71
ZN ZN B . -2.73 -5.53 -7.86
N SER A 1 -4.58 8.72 16.07
CA SER A 1 -3.11 8.76 16.27
C SER A 1 -2.75 8.73 17.75
N PHE A 2 -3.57 8.03 18.54
CA PHE A 2 -3.33 7.93 19.97
C PHE A 2 -2.77 6.57 20.34
N GLU A 3 -3.64 5.56 20.39
CA GLU A 3 -3.23 4.21 20.73
C GLU A 3 -3.74 3.21 19.70
N GLU A 4 -3.14 3.22 18.51
CA GLU A 4 -3.54 2.32 17.44
C GLU A 4 -2.40 2.13 16.44
N ASP A 5 -1.42 1.31 16.80
CA ASP A 5 -0.28 1.04 15.93
C ASP A 5 -0.56 -0.15 15.02
N PRO A 6 -0.96 -1.30 15.60
CA PRO A 6 -1.25 -2.51 14.82
C PRO A 6 -2.39 -2.30 13.83
N GLU A 7 -3.58 -2.03 14.35
CA GLU A 7 -4.75 -1.80 13.52
C GLU A 7 -4.57 -0.57 12.64
N ILE A 8 -4.23 -0.79 11.37
CA ILE A 8 -4.03 0.31 10.43
C ILE A 8 -5.36 0.79 9.86
N SER A 9 -5.37 2.02 9.38
CA SER A 9 -6.59 2.62 8.82
C SER A 9 -6.78 2.15 7.38
N LEU A 10 -8.05 2.12 6.95
CA LEU A 10 -8.38 1.70 5.59
C LEU A 10 -8.27 2.87 4.61
N ALA A 11 -8.48 4.07 5.11
CA ALA A 11 -8.41 5.27 4.27
C ALA A 11 -7.01 5.49 3.74
N ASP A 12 -6.00 5.04 4.47
CA ASP A 12 -4.61 5.20 4.07
C ASP A 12 -4.24 4.22 2.95
N TYR A 13 -5.13 3.27 2.67
CA TYR A 13 -4.88 2.28 1.62
C TYR A 13 -4.57 2.94 0.29
N TRP A 14 -4.10 2.14 -0.67
CA TRP A 14 -3.76 2.65 -2.00
C TRP A 14 -4.37 1.77 -3.08
N LYS A 15 -4.50 2.31 -4.28
CA LYS A 15 -5.07 1.56 -5.40
C LYS A 15 -3.98 1.04 -6.32
N CYS A 16 -3.99 -0.27 -6.57
CA CYS A 16 -3.00 -0.90 -7.44
C CYS A 16 -3.07 -0.29 -8.85
N THR A 17 -1.91 0.15 -9.35
CA THR A 17 -1.83 0.76 -10.67
C THR A 17 -2.00 -0.24 -11.80
N SER A 18 -2.18 -1.51 -11.48
CA SER A 18 -2.35 -2.53 -12.51
C SER A 18 -3.71 -3.20 -12.40
N CYS A 19 -3.99 -3.75 -11.23
CA CYS A 19 -5.25 -4.44 -10.99
C CYS A 19 -6.28 -3.53 -10.31
N ASN A 20 -5.83 -2.39 -9.80
CA ASN A 20 -6.74 -1.45 -9.13
C ASN A 20 -7.40 -2.10 -7.91
N GLU A 21 -6.59 -2.50 -6.93
CA GLU A 21 -7.12 -3.13 -5.72
C GLU A 21 -6.79 -2.28 -4.50
N MET A 22 -7.46 -2.58 -3.39
CA MET A 22 -7.25 -1.85 -2.15
C MET A 22 -6.21 -2.57 -1.28
N ASN A 23 -5.04 -1.95 -1.14
CA ASN A 23 -3.96 -2.52 -0.35
C ASN A 23 -3.54 -1.59 0.78
N PRO A 24 -3.30 -2.14 1.99
CA PRO A 24 -2.88 -1.34 3.14
C PRO A 24 -1.53 -0.68 2.90
N PRO A 25 -1.22 0.41 3.65
CA PRO A 25 0.04 1.12 3.51
C PRO A 25 1.24 0.20 3.66
N LEU A 26 1.07 -0.86 4.46
CA LEU A 26 2.14 -1.82 4.68
C LEU A 26 1.58 -3.25 4.69
N PRO A 27 2.10 -4.14 3.81
CA PRO A 27 3.17 -3.82 2.86
C PRO A 27 2.69 -2.89 1.75
N SER A 28 3.63 -2.24 1.07
CA SER A 28 3.31 -1.32 -0.01
C SER A 28 3.28 -2.04 -1.36
N HIS A 29 2.64 -3.21 -1.39
CA HIS A 29 2.53 -3.98 -2.63
C HIS A 29 1.25 -4.80 -2.63
N CYS A 30 0.67 -4.95 -3.82
CA CYS A 30 -0.58 -5.71 -3.98
C CYS A 30 -0.37 -7.19 -3.65
N ASN A 31 -1.03 -7.65 -2.61
CA ASN A 31 -0.92 -9.05 -2.19
C ASN A 31 -1.47 -10.00 -3.26
N ARG A 32 -2.24 -9.46 -4.19
CA ARG A 32 -2.83 -10.26 -5.26
C ARG A 32 -1.88 -10.37 -6.46
N CYS A 33 -1.83 -9.31 -7.27
CA CYS A 33 -0.99 -9.29 -8.46
C CYS A 33 0.47 -8.98 -8.12
N TRP A 34 0.70 -8.32 -6.99
CA TRP A 34 2.05 -7.97 -6.57
C TRP A 34 2.69 -7.03 -7.60
N ALA A 35 2.10 -5.85 -7.76
CA ALA A 35 2.61 -4.86 -8.70
C ALA A 35 3.37 -3.74 -7.99
N LEU A 36 3.32 -3.75 -6.65
CA LEU A 36 4.00 -2.73 -5.87
C LEU A 36 3.40 -1.36 -6.13
N ARG A 37 3.26 -0.56 -5.07
CA ARG A 37 2.69 0.78 -5.18
C ARG A 37 3.38 1.57 -6.29
N GLU A 38 2.72 2.62 -6.77
CA GLU A 38 3.27 3.45 -7.83
C GLU A 38 4.43 4.31 -7.30
N ASN A 39 4.39 4.61 -6.01
CA ASN A 39 5.43 5.41 -5.39
C ASN A 39 5.64 5.00 -3.93
N TRP A 40 6.85 4.54 -3.62
CA TRP A 40 7.17 4.13 -2.26
C TRP A 40 8.59 4.58 -1.86
N LEU A 41 9.57 3.70 -2.05
CA LEU A 41 10.95 4.00 -1.72
C LEU A 41 11.51 5.10 -2.62
N PRO A 42 12.48 5.87 -2.13
CA PRO A 42 13.10 6.96 -2.90
C PRO A 42 13.84 6.45 -4.14
N GLU A 43 13.98 7.32 -5.13
CA GLU A 43 14.66 6.96 -6.37
C GLU A 43 16.10 6.55 -6.09
N ASP A 44 16.40 5.27 -6.30
CA ASP A 44 17.74 4.75 -6.07
C ASP A 44 18.36 4.26 -7.38
N LYS A 45 18.54 5.18 -8.32
CA LYS A 45 19.13 4.85 -9.61
C LYS A 45 20.62 4.61 -9.48
N GLY A 46 21.15 3.75 -10.35
CA GLY A 46 22.57 3.44 -10.32
C GLY A 46 23.21 3.52 -11.68
ZN ZN B . -2.53 -5.54 -7.76
N SER A 1 -8.39 -18.14 20.72
CA SER A 1 -9.32 -17.11 20.19
C SER A 1 -8.58 -16.10 19.30
N PHE A 2 -8.84 -16.19 17.99
CA PHE A 2 -8.19 -15.29 17.04
C PHE A 2 -8.84 -13.91 17.08
N GLU A 3 -8.06 -12.91 17.48
CA GLU A 3 -8.56 -11.54 17.57
C GLU A 3 -8.08 -10.72 16.38
N GLU A 4 -8.80 -10.79 15.27
CA GLU A 4 -8.44 -10.05 14.07
C GLU A 4 -8.45 -8.54 14.33
N ASP A 5 -7.25 -7.97 14.44
CA ASP A 5 -7.11 -6.54 14.70
C ASP A 5 -6.62 -5.81 13.45
N PRO A 6 -7.51 -5.08 12.76
CA PRO A 6 -7.15 -4.34 11.55
C PRO A 6 -5.91 -3.47 11.73
N GLU A 7 -5.74 -2.97 12.95
CA GLU A 7 -4.59 -2.13 13.29
C GLU A 7 -4.58 -0.86 12.42
N ILE A 8 -4.05 -0.98 11.21
CA ILE A 8 -3.98 0.15 10.30
C ILE A 8 -5.36 0.50 9.74
N SER A 9 -5.50 1.75 9.31
CA SER A 9 -6.77 2.22 8.75
C SER A 9 -6.90 1.82 7.29
N LEU A 10 -8.14 1.70 6.82
CA LEU A 10 -8.41 1.33 5.43
C LEU A 10 -8.37 2.55 4.52
N ALA A 11 -8.64 3.72 5.08
CA ALA A 11 -8.64 4.95 4.32
C ALA A 11 -7.27 5.26 3.75
N ASP A 12 -6.22 4.83 4.44
CA ASP A 12 -4.85 5.07 4.00
C ASP A 12 -4.44 4.12 2.87
N TYR A 13 -5.28 3.12 2.60
CA TYR A 13 -4.99 2.15 1.56
C TYR A 13 -4.75 2.83 0.21
N TRP A 14 -4.22 2.07 -0.75
CA TRP A 14 -3.95 2.60 -2.08
C TRP A 14 -4.51 1.68 -3.15
N LYS A 15 -4.84 2.26 -4.31
CA LYS A 15 -5.38 1.48 -5.42
C LYS A 15 -4.29 1.01 -6.35
N CYS A 16 -4.26 -0.29 -6.62
CA CYS A 16 -3.25 -0.87 -7.50
C CYS A 16 -3.35 -0.27 -8.90
N THR A 17 -2.22 0.18 -9.42
CA THR A 17 -2.16 0.80 -10.74
C THR A 17 -2.32 -0.23 -11.87
N SER A 18 -2.48 -1.50 -11.53
CA SER A 18 -2.64 -2.54 -12.54
C SER A 18 -3.99 -3.23 -12.39
N CYS A 19 -4.23 -3.79 -11.21
CA CYS A 19 -5.46 -4.50 -10.94
C CYS A 19 -6.51 -3.60 -10.26
N ASN A 20 -6.08 -2.43 -9.79
CA ASN A 20 -6.99 -1.51 -9.11
C ASN A 20 -7.64 -2.16 -7.89
N GLU A 21 -6.81 -2.56 -6.93
CA GLU A 21 -7.30 -3.20 -5.71
C GLU A 21 -6.92 -2.38 -4.48
N MET A 22 -7.56 -2.69 -3.36
CA MET A 22 -7.29 -1.98 -2.10
C MET A 22 -6.17 -2.65 -1.34
N ASN A 23 -5.07 -1.93 -1.16
CA ASN A 23 -3.92 -2.47 -0.43
C ASN A 23 -3.49 -1.54 0.69
N PRO A 24 -3.09 -2.09 1.85
CA PRO A 24 -2.65 -1.28 3.00
C PRO A 24 -1.35 -0.55 2.73
N PRO A 25 -1.10 0.55 3.46
CA PRO A 25 0.12 1.35 3.30
C PRO A 25 1.38 0.51 3.49
N LEU A 26 1.29 -0.50 4.35
CA LEU A 26 2.43 -1.37 4.63
C LEU A 26 1.96 -2.83 4.75
N PRO A 27 2.51 -3.74 3.91
CA PRO A 27 3.51 -3.40 2.89
C PRO A 27 2.92 -2.60 1.74
N SER A 28 3.79 -1.93 0.99
CA SER A 28 3.36 -1.12 -0.14
C SER A 28 3.32 -1.93 -1.43
N HIS A 29 2.70 -3.12 -1.37
CA HIS A 29 2.59 -3.99 -2.53
C HIS A 29 1.25 -4.71 -2.54
N CYS A 30 0.72 -4.94 -3.74
CA CYS A 30 -0.57 -5.62 -3.88
C CYS A 30 -0.44 -7.10 -3.52
N ASN A 31 -1.19 -7.51 -2.51
CA ASN A 31 -1.16 -8.90 -2.05
C ASN A 31 -1.86 -9.83 -3.04
N ARG A 32 -2.48 -9.27 -4.08
CA ARG A 32 -3.17 -10.06 -5.08
C ARG A 32 -2.30 -10.27 -6.32
N CYS A 33 -1.97 -9.17 -6.99
CA CYS A 33 -1.16 -9.23 -8.21
C CYS A 33 0.31 -8.95 -7.93
N TRP A 34 0.59 -8.30 -6.81
CA TRP A 34 1.97 -7.96 -6.44
C TRP A 34 2.58 -7.03 -7.50
N ALA A 35 1.98 -5.85 -7.67
CA ALA A 35 2.46 -4.88 -8.64
C ALA A 35 3.36 -3.83 -7.98
N LEU A 36 3.32 -3.76 -6.66
CA LEU A 36 4.12 -2.79 -5.92
C LEU A 36 3.72 -1.36 -6.26
N ARG A 37 3.65 -0.52 -5.24
CA ARG A 37 3.27 0.88 -5.44
C ARG A 37 4.24 1.58 -6.39
N GLU A 38 3.75 2.62 -7.05
CA GLU A 38 4.58 3.39 -7.99
C GLU A 38 5.60 4.24 -7.25
N ASN A 39 5.24 4.68 -6.05
CA ASN A 39 6.13 5.51 -5.24
C ASN A 39 6.02 5.14 -3.76
N TRP A 40 7.10 4.58 -3.21
CA TRP A 40 7.12 4.19 -1.80
C TRP A 40 8.52 4.41 -1.20
N LEU A 41 9.53 3.97 -1.92
CA LEU A 41 10.91 4.11 -1.46
C LEU A 41 11.32 5.59 -1.40
N PRO A 42 11.59 6.10 -0.19
CA PRO A 42 11.98 7.50 0.01
C PRO A 42 13.38 7.78 -0.55
N GLU A 43 13.44 8.70 -1.52
CA GLU A 43 14.71 9.07 -2.14
C GLU A 43 15.68 9.62 -1.11
N ASP A 44 16.98 9.48 -1.40
CA ASP A 44 18.01 9.96 -0.49
C ASP A 44 18.73 11.18 -1.08
N LYS A 45 18.57 12.32 -0.43
CA LYS A 45 19.20 13.55 -0.89
C LYS A 45 20.72 13.48 -0.74
N GLY A 46 21.17 12.98 0.41
CA GLY A 46 22.60 12.86 0.66
C GLY A 46 22.99 11.48 1.11
ZN ZN B . -2.66 -5.40 -7.72
N SER A 1 -19.05 -11.06 13.15
CA SER A 1 -17.68 -10.70 12.71
C SER A 1 -17.13 -9.53 13.52
N PHE A 2 -15.80 -9.42 13.55
CA PHE A 2 -15.16 -8.33 14.28
C PHE A 2 -14.18 -7.58 13.38
N GLU A 3 -14.63 -6.43 12.87
CA GLU A 3 -13.79 -5.62 11.99
C GLU A 3 -12.73 -4.87 12.79
N GLU A 4 -11.47 -5.06 12.42
CA GLU A 4 -10.36 -4.41 13.10
C GLU A 4 -10.50 -2.89 13.03
N ASP A 5 -9.45 -2.18 13.44
CA ASP A 5 -9.45 -0.72 13.42
C ASP A 5 -8.08 -0.17 13.80
N PRO A 6 -7.54 -0.58 14.96
CA PRO A 6 -6.23 -0.12 15.42
C PRO A 6 -5.11 -0.54 14.48
N GLU A 7 -5.17 -1.77 14.03
CA GLU A 7 -4.16 -2.31 13.12
C GLU A 7 -4.29 -1.69 11.72
N ILE A 8 -3.46 -0.69 11.45
CA ILE A 8 -3.48 -0.03 10.16
C ILE A 8 -4.85 0.61 9.89
N SER A 9 -4.86 1.65 9.07
CA SER A 9 -6.09 2.35 8.73
C SER A 9 -6.55 1.99 7.32
N LEU A 10 -7.86 1.96 7.12
CA LEU A 10 -8.43 1.62 5.81
C LEU A 10 -8.39 2.82 4.87
N ALA A 11 -8.52 4.01 5.44
CA ALA A 11 -8.50 5.25 4.65
C ALA A 11 -7.15 5.46 3.98
N ASP A 12 -6.10 4.92 4.59
CA ASP A 12 -4.75 5.07 4.05
C ASP A 12 -4.51 4.11 2.88
N TYR A 13 -5.42 3.17 2.67
CA TYR A 13 -5.28 2.20 1.60
C TYR A 13 -5.06 2.87 0.25
N TRP A 14 -4.45 2.14 -0.67
CA TRP A 14 -4.19 2.67 -2.00
C TRP A 14 -4.76 1.75 -3.08
N LYS A 15 -4.90 2.27 -4.29
CA LYS A 15 -5.45 1.49 -5.40
C LYS A 15 -4.35 1.01 -6.33
N CYS A 16 -4.30 -0.30 -6.57
CA CYS A 16 -3.30 -0.89 -7.45
C CYS A 16 -3.39 -0.29 -8.85
N THR A 17 -2.27 0.22 -9.35
CA THR A 17 -2.22 0.84 -10.67
C THR A 17 -2.32 -0.17 -11.80
N SER A 18 -2.43 -1.46 -11.48
CA SER A 18 -2.52 -2.48 -12.51
C SER A 18 -3.84 -3.24 -12.41
N CYS A 19 -4.09 -3.82 -11.24
CA CYS A 19 -5.31 -4.59 -11.01
C CYS A 19 -6.40 -3.75 -10.34
N ASN A 20 -6.04 -2.57 -9.83
CA ASN A 20 -7.00 -1.70 -9.16
C ASN A 20 -7.63 -2.40 -7.95
N GLU A 21 -6.81 -2.64 -6.92
CA GLU A 21 -7.27 -3.29 -5.70
C GLU A 21 -6.99 -2.41 -4.49
N MET A 22 -7.70 -2.68 -3.40
CA MET A 22 -7.53 -1.93 -2.17
C MET A 22 -6.44 -2.55 -1.30
N ASN A 23 -5.26 -1.95 -1.32
CA ASN A 23 -4.13 -2.47 -0.54
C ASN A 23 -3.75 -1.51 0.58
N PRO A 24 -3.47 -2.03 1.78
CA PRO A 24 -3.09 -1.22 2.93
C PRO A 24 -1.73 -0.55 2.74
N PRO A 25 -1.44 0.50 3.52
CA PRO A 25 -0.17 1.23 3.44
C PRO A 25 1.02 0.31 3.68
N LEU A 26 0.83 -0.69 4.54
CA LEU A 26 1.89 -1.64 4.85
C LEU A 26 1.35 -3.07 4.84
N PRO A 27 1.84 -3.94 3.94
CA PRO A 27 2.88 -3.58 2.96
C PRO A 27 2.35 -2.64 1.88
N SER A 28 3.27 -1.97 1.19
CA SER A 28 2.88 -1.04 0.14
C SER A 28 2.89 -1.73 -1.23
N HIS A 29 2.43 -2.98 -1.26
CA HIS A 29 2.38 -3.73 -2.51
C HIS A 29 1.16 -4.64 -2.55
N CYS A 30 0.59 -4.80 -3.74
CA CYS A 30 -0.60 -5.65 -3.91
C CYS A 30 -0.26 -7.11 -3.66
N ASN A 31 -0.94 -7.70 -2.67
CA ASN A 31 -0.72 -9.09 -2.31
C ASN A 31 -1.38 -10.04 -3.31
N ARG A 32 -2.09 -9.49 -4.29
CA ARG A 32 -2.78 -10.30 -5.29
C ARG A 32 -1.94 -10.41 -6.57
N CYS A 33 -1.63 -9.28 -7.17
CA CYS A 33 -0.85 -9.26 -8.40
C CYS A 33 0.63 -8.97 -8.13
N TRP A 34 0.92 -8.34 -6.99
CA TRP A 34 2.30 -8.01 -6.64
C TRP A 34 2.86 -6.95 -7.57
N ALA A 35 2.07 -5.90 -7.79
CA ALA A 35 2.49 -4.81 -8.67
C ALA A 35 3.38 -3.82 -7.92
N LEU A 36 3.18 -3.71 -6.61
CA LEU A 36 3.97 -2.81 -5.79
C LEU A 36 3.67 -1.36 -6.14
N ARG A 37 3.68 -0.48 -5.14
CA ARG A 37 3.41 0.93 -5.34
C ARG A 37 4.34 1.52 -6.40
N GLU A 38 3.87 2.57 -7.07
CA GLU A 38 4.66 3.22 -8.11
C GLU A 38 5.80 4.03 -7.50
N ASN A 39 5.57 4.55 -6.31
CA ASN A 39 6.59 5.35 -5.62
C ASN A 39 6.39 5.30 -4.11
N TRP A 40 7.26 4.55 -3.43
CA TRP A 40 7.19 4.40 -1.98
C TRP A 40 8.52 4.79 -1.33
N LEU A 41 9.60 4.31 -1.92
CA LEU A 41 10.94 4.60 -1.40
C LEU A 41 11.30 6.07 -1.62
N PRO A 42 12.20 6.61 -0.77
CA PRO A 42 12.63 8.01 -0.88
C PRO A 42 13.43 8.27 -2.15
N GLU A 43 14.36 7.38 -2.46
CA GLU A 43 15.19 7.52 -3.64
C GLU A 43 15.06 6.29 -4.55
N ASP A 44 15.10 6.53 -5.85
CA ASP A 44 14.98 5.45 -6.83
C ASP A 44 16.16 4.48 -6.72
N LYS A 45 17.32 5.01 -6.35
CA LYS A 45 18.52 4.21 -6.21
C LYS A 45 19.06 4.27 -4.78
N GLY A 46 18.96 3.16 -4.07
CA GLY A 46 19.45 3.12 -2.70
C GLY A 46 18.61 2.21 -1.82
ZN ZN B . -2.56 -5.51 -7.69
N SER A 1 0.50 11.29 27.46
CA SER A 1 -0.20 10.47 26.44
C SER A 1 -0.25 11.19 25.09
N PHE A 2 0.11 10.48 24.03
CA PHE A 2 0.10 11.04 22.69
C PHE A 2 -1.00 10.43 21.84
N GLU A 3 -1.32 9.16 22.10
CA GLU A 3 -2.35 8.46 21.37
C GLU A 3 -2.02 8.38 19.88
N GLU A 4 -0.82 7.86 19.59
CA GLU A 4 -0.38 7.72 18.20
C GLU A 4 -1.31 6.81 17.41
N ASP A 5 -1.05 6.67 16.12
CA ASP A 5 -1.87 5.83 15.25
C ASP A 5 -1.01 5.10 14.23
N PRO A 6 -0.03 4.31 14.71
CA PRO A 6 0.86 3.55 13.82
C PRO A 6 0.15 2.37 13.15
N GLU A 7 -0.88 1.87 13.80
CA GLU A 7 -1.65 0.75 13.26
C GLU A 7 -2.22 1.07 11.89
N ILE A 8 -2.36 2.37 11.59
CA ILE A 8 -2.88 2.81 10.31
C ILE A 8 -4.32 2.30 10.11
N SER A 9 -5.09 3.05 9.33
CA SER A 9 -6.47 2.68 9.07
C SER A 9 -6.62 2.12 7.66
N LEU A 10 -7.87 1.90 7.23
CA LEU A 10 -8.15 1.36 5.91
C LEU A 10 -8.17 2.47 4.86
N ALA A 11 -8.43 3.69 5.31
CA ALA A 11 -8.49 4.84 4.41
C ALA A 11 -7.14 5.11 3.76
N ASP A 12 -6.06 4.77 4.46
CA ASP A 12 -4.71 4.98 3.96
C ASP A 12 -4.38 4.01 2.81
N TYR A 13 -5.24 3.00 2.61
CA TYR A 13 -5.03 2.01 1.57
C TYR A 13 -4.75 2.68 0.22
N TRP A 14 -4.16 1.91 -0.70
CA TRP A 14 -3.83 2.42 -2.02
C TRP A 14 -4.41 1.52 -3.10
N LYS A 15 -4.74 2.11 -4.25
CA LYS A 15 -5.30 1.37 -5.37
C LYS A 15 -4.21 0.92 -6.33
N CYS A 16 -4.22 -0.37 -6.69
CA CYS A 16 -3.24 -0.91 -7.61
C CYS A 16 -3.36 -0.27 -8.99
N THR A 17 -2.25 0.24 -9.50
CA THR A 17 -2.24 0.89 -10.81
C THR A 17 -2.35 -0.10 -11.96
N SER A 18 -2.45 -1.38 -11.67
CA SER A 18 -2.56 -2.39 -12.72
C SER A 18 -3.87 -3.15 -12.60
N CYS A 19 -4.11 -3.73 -11.44
CA CYS A 19 -5.32 -4.51 -11.20
C CYS A 19 -6.40 -3.68 -10.49
N ASN A 20 -6.02 -2.51 -9.99
CA ASN A 20 -6.98 -1.64 -9.29
C ASN A 20 -7.60 -2.36 -8.09
N GLU A 21 -6.77 -2.71 -7.12
CA GLU A 21 -7.25 -3.38 -5.91
C GLU A 21 -6.93 -2.56 -4.67
N MET A 22 -7.59 -2.89 -3.56
CA MET A 22 -7.38 -2.18 -2.31
C MET A 22 -6.31 -2.88 -1.48
N ASN A 23 -5.18 -2.21 -1.28
CA ASN A 23 -4.08 -2.77 -0.51
C ASN A 23 -3.68 -1.86 0.65
N PRO A 24 -3.35 -2.45 1.81
CA PRO A 24 -2.95 -1.68 3.00
C PRO A 24 -1.60 -0.99 2.82
N PRO A 25 -1.39 0.17 3.47
CA PRO A 25 -0.14 0.92 3.37
C PRO A 25 1.07 0.05 3.72
N LEU A 26 0.84 -0.96 4.54
CA LEU A 26 1.90 -1.87 4.96
C LEU A 26 1.45 -3.33 4.86
N PRO A 27 2.03 -4.12 3.93
CA PRO A 27 3.07 -3.67 3.01
C PRO A 27 2.50 -2.94 1.81
N SER A 28 3.34 -2.16 1.14
CA SER A 28 2.90 -1.41 -0.04
C SER A 28 3.00 -2.26 -1.30
N HIS A 29 2.46 -3.48 -1.25
CA HIS A 29 2.49 -4.37 -2.40
C HIS A 29 1.18 -5.14 -2.53
N CYS A 30 0.67 -5.24 -3.76
CA CYS A 30 -0.58 -5.94 -4.03
C CYS A 30 -0.42 -7.44 -3.81
N ASN A 31 -1.17 -7.98 -2.86
CA ASN A 31 -1.11 -9.41 -2.56
C ASN A 31 -1.73 -10.25 -3.67
N ARG A 32 -2.37 -9.59 -4.64
CA ARG A 32 -3.02 -10.29 -5.74
C ARG A 32 -2.08 -10.40 -6.95
N CYS A 33 -1.74 -9.26 -7.52
CA CYS A 33 -0.87 -9.23 -8.69
C CYS A 33 0.58 -8.92 -8.31
N TRP A 34 0.78 -8.28 -7.15
CA TRP A 34 2.12 -7.94 -6.70
C TRP A 34 2.76 -6.92 -7.65
N ALA A 35 2.10 -5.78 -7.81
CA ALA A 35 2.60 -4.72 -8.69
C ALA A 35 3.42 -3.70 -7.90
N LEU A 36 3.19 -3.62 -6.60
CA LEU A 36 3.90 -2.68 -5.74
C LEU A 36 3.52 -1.24 -6.08
N ARG A 37 3.37 -0.42 -5.03
CA ARG A 37 3.01 0.98 -5.21
C ARG A 37 4.02 1.70 -6.10
N GLU A 38 3.64 2.86 -6.62
CA GLU A 38 4.52 3.65 -7.46
C GLU A 38 5.58 4.35 -6.63
N ASN A 39 5.14 5.23 -5.75
CA ASN A 39 6.04 5.97 -4.88
C ASN A 39 5.86 5.56 -3.43
N TRP A 40 6.80 4.77 -2.91
CA TRP A 40 6.74 4.32 -1.53
C TRP A 40 8.03 4.61 -0.79
N LEU A 41 9.16 4.34 -1.45
CA LEU A 41 10.46 4.59 -0.86
C LEU A 41 10.95 6.01 -1.18
N PRO A 42 11.53 6.70 -0.18
CA PRO A 42 12.02 8.07 -0.37
C PRO A 42 13.03 8.17 -1.51
N GLU A 43 13.58 9.36 -1.71
CA GLU A 43 14.55 9.59 -2.78
C GLU A 43 15.97 9.28 -2.29
N ASP A 44 16.63 8.34 -2.96
CA ASP A 44 17.98 7.96 -2.61
C ASP A 44 18.93 9.16 -2.67
N LYS A 45 19.08 9.84 -1.53
CA LYS A 45 19.96 11.00 -1.46
C LYS A 45 20.58 11.13 -0.08
N GLY A 46 20.91 10.00 0.53
CA GLY A 46 21.50 10.00 1.85
C GLY A 46 22.29 8.73 2.13
ZN ZN B . -2.51 -5.53 -7.93
N SER A 1 -2.03 6.38 10.09
CA SER A 1 -2.72 7.69 9.88
C SER A 1 -2.34 8.68 10.96
N PHE A 2 -2.31 8.22 12.21
CA PHE A 2 -1.96 9.08 13.33
C PHE A 2 -1.10 8.32 14.34
N GLU A 3 0.14 8.77 14.50
CA GLU A 3 1.06 8.14 15.44
C GLU A 3 1.26 6.66 15.10
N GLU A 4 2.23 6.03 15.76
CA GLU A 4 2.52 4.63 15.52
C GLU A 4 1.31 3.76 15.85
N ASP A 5 0.83 3.01 14.86
CA ASP A 5 -0.32 2.15 15.05
C ASP A 5 -0.30 0.97 14.06
N PRO A 6 0.32 -0.15 14.46
CA PRO A 6 0.42 -1.34 13.60
C PRO A 6 -0.94 -1.76 13.03
N GLU A 7 -2.00 -1.39 13.73
CA GLU A 7 -3.36 -1.73 13.30
C GLU A 7 -3.63 -1.18 11.90
N ILE A 8 -3.11 0.01 11.63
CA ILE A 8 -3.28 0.66 10.34
C ILE A 8 -4.76 0.89 10.05
N SER A 9 -5.05 1.90 9.23
CA SER A 9 -6.42 2.24 8.88
C SER A 9 -6.74 1.80 7.45
N LEU A 10 -8.03 1.76 7.13
CA LEU A 10 -8.47 1.36 5.79
C LEU A 10 -8.43 2.54 4.82
N ALA A 11 -8.65 3.74 5.36
CA ALA A 11 -8.65 4.95 4.55
C ALA A 11 -7.29 5.22 3.93
N ASP A 12 -6.23 4.79 4.62
CA ASP A 12 -4.87 4.98 4.14
C ASP A 12 -4.54 4.04 2.98
N TYR A 13 -5.42 3.07 2.73
CA TYR A 13 -5.21 2.11 1.65
C TYR A 13 -4.95 2.81 0.32
N TRP A 14 -4.43 2.07 -0.64
CA TRP A 14 -4.13 2.61 -1.96
C TRP A 14 -4.66 1.69 -3.07
N LYS A 15 -4.77 2.22 -4.27
CA LYS A 15 -5.26 1.45 -5.40
C LYS A 15 -4.12 0.95 -6.28
N CYS A 16 -4.12 -0.36 -6.55
CA CYS A 16 -3.07 -0.96 -7.38
C CYS A 16 -3.04 -0.32 -8.76
N THR A 17 -1.85 0.08 -9.19
CA THR A 17 -1.68 0.72 -10.49
C THR A 17 -1.79 -0.27 -11.66
N SER A 18 -2.04 -1.54 -11.36
CA SER A 18 -2.18 -2.55 -12.40
C SER A 18 -3.56 -3.19 -12.37
N CYS A 19 -3.89 -3.76 -11.23
CA CYS A 19 -5.18 -4.43 -11.07
C CYS A 19 -6.22 -3.51 -10.41
N ASN A 20 -5.79 -2.36 -9.89
CA ASN A 20 -6.70 -1.43 -9.24
C ASN A 20 -7.45 -2.10 -8.10
N GLU A 21 -6.71 -2.54 -7.08
CA GLU A 21 -7.29 -3.20 -5.92
C GLU A 21 -6.99 -2.41 -4.65
N MET A 22 -7.69 -2.76 -3.57
CA MET A 22 -7.50 -2.09 -2.29
C MET A 22 -6.38 -2.74 -1.50
N ASN A 23 -5.29 -2.01 -1.30
CA ASN A 23 -4.15 -2.53 -0.56
C ASN A 23 -3.77 -1.59 0.59
N PRO A 24 -3.40 -2.17 1.75
CA PRO A 24 -3.00 -1.37 2.92
C PRO A 24 -1.71 -0.60 2.69
N PRO A 25 -1.45 0.45 3.49
CA PRO A 25 -0.24 1.26 3.36
C PRO A 25 1.03 0.41 3.44
N LEU A 26 0.96 -0.68 4.20
CA LEU A 26 2.11 -1.57 4.35
C LEU A 26 1.65 -3.02 4.26
N PRO A 27 2.28 -3.82 3.36
CA PRO A 27 3.35 -3.37 2.48
C PRO A 27 2.82 -2.59 1.28
N SER A 28 3.70 -1.82 0.64
CA SER A 28 3.33 -1.02 -0.52
C SER A 28 3.28 -1.86 -1.79
N HIS A 29 2.65 -3.03 -1.72
CA HIS A 29 2.52 -3.91 -2.87
C HIS A 29 1.24 -4.74 -2.79
N CYS A 30 0.55 -4.84 -3.92
CA CYS A 30 -0.70 -5.60 -3.98
C CYS A 30 -0.50 -7.05 -3.57
N ASN A 31 -1.27 -7.49 -2.57
CA ASN A 31 -1.18 -8.86 -2.08
C ASN A 31 -1.89 -9.85 -3.01
N ARG A 32 -2.50 -9.33 -4.07
CA ARG A 32 -3.21 -10.17 -5.02
C ARG A 32 -2.39 -10.40 -6.29
N CYS A 33 -1.99 -9.31 -6.93
CA CYS A 33 -1.20 -9.40 -8.16
C CYS A 33 0.30 -9.22 -7.89
N TRP A 34 0.63 -8.61 -6.75
CA TRP A 34 2.03 -8.38 -6.38
C TRP A 34 2.63 -7.24 -7.21
N ALA A 35 2.11 -6.04 -7.02
CA ALA A 35 2.59 -4.87 -7.74
C ALA A 35 2.86 -3.71 -6.79
N LEU A 36 4.13 -3.32 -6.69
CA LEU A 36 4.52 -2.21 -5.82
C LEU A 36 4.01 -0.89 -6.36
N ARG A 37 3.33 -0.13 -5.51
CA ARG A 37 2.78 1.17 -5.91
C ARG A 37 3.82 2.01 -6.66
N GLU A 38 3.36 3.09 -7.27
CA GLU A 38 4.23 3.97 -8.04
C GLU A 38 5.33 4.55 -7.15
N ASN A 39 4.97 4.87 -5.91
CA ASN A 39 5.92 5.44 -4.95
C ASN A 39 5.93 4.63 -3.66
N TRP A 40 7.04 3.94 -3.41
CA TRP A 40 7.18 3.13 -2.20
C TRP A 40 8.30 3.66 -1.32
N LEU A 41 9.41 4.04 -1.94
CA LEU A 41 10.55 4.58 -1.22
C LEU A 41 10.51 6.10 -1.19
N PRO A 42 10.26 6.69 0.00
CA PRO A 42 10.21 8.15 0.16
C PRO A 42 11.46 8.84 -0.37
N GLU A 43 12.62 8.27 -0.03
CA GLU A 43 13.89 8.83 -0.46
C GLU A 43 14.46 8.04 -1.63
N ASP A 44 14.98 8.76 -2.63
CA ASP A 44 15.55 8.13 -3.81
C ASP A 44 17.00 7.73 -3.56
N LYS A 45 17.25 6.43 -3.51
CA LYS A 45 18.59 5.92 -3.28
C LYS A 45 18.80 4.58 -3.99
N GLY A 46 20.00 4.04 -3.88
CA GLY A 46 20.30 2.77 -4.51
C GLY A 46 21.60 2.81 -5.31
ZN ZN B . -2.65 -5.49 -7.67
N SER A 1 -3.15 -12.81 3.29
CA SER A 1 -2.73 -11.96 4.45
C SER A 1 -1.80 -12.73 5.38
N PHE A 2 -0.59 -12.18 5.56
CA PHE A 2 0.39 -12.82 6.43
C PHE A 2 0.63 -11.99 7.69
N GLU A 3 0.53 -10.66 7.54
CA GLU A 3 0.73 -9.76 8.66
C GLU A 3 -0.45 -8.79 8.80
N GLU A 4 -1.03 -8.73 9.99
CA GLU A 4 -2.16 -7.85 10.24
C GLU A 4 -1.76 -6.39 10.02
N ASP A 5 -2.75 -5.50 10.04
CA ASP A 5 -2.52 -4.08 9.84
C ASP A 5 -3.20 -3.25 10.92
N PRO A 6 -2.64 -3.25 12.15
CA PRO A 6 -3.21 -2.49 13.27
C PRO A 6 -3.03 -0.99 13.11
N GLU A 7 -1.82 -0.59 12.72
CA GLU A 7 -1.51 0.82 12.52
C GLU A 7 -2.26 1.39 11.32
N ILE A 8 -2.71 2.63 11.44
CA ILE A 8 -3.44 3.28 10.37
C ILE A 8 -4.72 2.54 10.05
N SER A 9 -5.71 3.27 9.53
CA SER A 9 -6.99 2.66 9.17
C SER A 9 -6.96 2.13 7.76
N LEU A 10 -8.13 1.78 7.23
CA LEU A 10 -8.23 1.24 5.87
C LEU A 10 -8.26 2.36 4.84
N ALA A 11 -8.58 3.57 5.28
CA ALA A 11 -8.65 4.72 4.39
C ALA A 11 -7.29 5.02 3.76
N ASP A 12 -6.23 4.76 4.51
CA ASP A 12 -4.88 5.02 4.03
C ASP A 12 -4.50 4.08 2.88
N TYR A 13 -5.32 3.04 2.68
CA TYR A 13 -5.06 2.06 1.62
C TYR A 13 -4.77 2.74 0.29
N TRP A 14 -4.30 1.94 -0.67
CA TRP A 14 -3.97 2.46 -2.00
C TRP A 14 -4.52 1.53 -3.08
N LYS A 15 -4.75 2.09 -4.27
CA LYS A 15 -5.28 1.32 -5.39
C LYS A 15 -4.16 0.88 -6.34
N CYS A 16 -4.13 -0.41 -6.65
CA CYS A 16 -3.12 -0.96 -7.55
C CYS A 16 -3.22 -0.31 -8.93
N THR A 17 -2.08 0.15 -9.45
CA THR A 17 -2.03 0.81 -10.75
C THR A 17 -2.23 -0.17 -11.90
N SER A 18 -2.42 -1.45 -11.62
CA SER A 18 -2.61 -2.44 -12.66
C SER A 18 -3.97 -3.12 -12.53
N CYS A 19 -4.22 -3.68 -11.36
CA CYS A 19 -5.47 -4.38 -11.10
C CYS A 19 -6.50 -3.48 -10.40
N ASN A 20 -6.02 -2.38 -9.83
CA ASN A 20 -6.90 -1.44 -9.13
C ASN A 20 -7.55 -2.09 -7.91
N GLU A 21 -6.72 -2.72 -7.06
CA GLU A 21 -7.23 -3.38 -5.86
C GLU A 21 -6.91 -2.53 -4.64
N MET A 22 -7.55 -2.85 -3.52
CA MET A 22 -7.34 -2.11 -2.27
C MET A 22 -6.35 -2.82 -1.36
N ASN A 23 -5.12 -2.32 -1.33
CA ASN A 23 -4.08 -2.90 -0.48
C ASN A 23 -3.68 -1.94 0.63
N PRO A 24 -3.35 -2.47 1.82
CA PRO A 24 -2.95 -1.65 2.98
C PRO A 24 -1.60 -0.97 2.74
N PRO A 25 -1.25 0.01 3.60
CA PRO A 25 0.03 0.73 3.48
C PRO A 25 1.23 -0.22 3.54
N LEU A 26 1.08 -1.30 4.30
CA LEU A 26 2.16 -2.29 4.43
C LEU A 26 1.61 -3.70 4.21
N PRO A 27 2.22 -4.47 3.28
CA PRO A 27 3.36 -4.03 2.48
C PRO A 27 2.95 -3.13 1.32
N SER A 28 3.90 -2.39 0.78
CA SER A 28 3.62 -1.48 -0.33
C SER A 28 3.58 -2.24 -1.67
N HIS A 29 2.83 -3.35 -1.69
CA HIS A 29 2.71 -4.15 -2.90
C HIS A 29 1.40 -4.93 -2.90
N CYS A 30 0.74 -4.98 -4.07
CA CYS A 30 -0.52 -5.69 -4.20
C CYS A 30 -0.34 -7.18 -3.87
N ASN A 31 -1.01 -7.62 -2.82
CA ASN A 31 -0.93 -9.02 -2.40
C ASN A 31 -1.62 -9.94 -3.40
N ARG A 32 -2.36 -9.37 -4.35
CA ARG A 32 -3.06 -10.14 -5.35
C ARG A 32 -2.22 -10.33 -6.61
N CYS A 33 -2.09 -9.27 -7.40
CA CYS A 33 -1.31 -9.33 -8.64
C CYS A 33 0.18 -9.11 -8.39
N TRP A 34 0.54 -8.75 -7.16
CA TRP A 34 1.95 -8.51 -6.83
C TRP A 34 2.48 -7.30 -7.56
N ALA A 35 2.07 -6.11 -7.11
CA ALA A 35 2.50 -4.86 -7.73
C ALA A 35 2.83 -3.81 -6.68
N LEU A 36 4.06 -3.32 -6.71
CA LEU A 36 4.51 -2.31 -5.76
C LEU A 36 3.93 -0.94 -6.12
N ARG A 37 3.69 -0.13 -5.09
CA ARG A 37 3.14 1.21 -5.29
C ARG A 37 4.05 2.04 -6.18
N GLU A 38 3.49 3.07 -6.81
CA GLU A 38 4.25 3.95 -7.69
C GLU A 38 5.33 4.70 -6.89
N ASN A 39 5.01 5.01 -5.65
CA ASN A 39 5.94 5.72 -4.78
C ASN A 39 5.80 5.27 -3.33
N TRP A 40 6.76 4.49 -2.87
CA TRP A 40 6.74 3.99 -1.49
C TRP A 40 7.95 4.49 -0.71
N LEU A 41 9.11 4.47 -1.35
CA LEU A 41 10.33 4.93 -0.71
C LEU A 41 10.29 6.44 -0.48
N PRO A 42 10.66 6.90 0.74
CA PRO A 42 10.67 8.31 1.08
C PRO A 42 11.80 9.08 0.41
N GLU A 43 12.96 8.43 0.31
CA GLU A 43 14.13 9.05 -0.30
C GLU A 43 14.15 8.79 -1.80
N ASP A 44 13.53 9.69 -2.56
CA ASP A 44 13.48 9.55 -4.01
C ASP A 44 13.22 10.91 -4.67
N LYS A 45 13.31 10.95 -6.00
CA LYS A 45 13.08 12.18 -6.74
C LYS A 45 12.05 11.96 -7.84
N GLY A 46 12.19 10.86 -8.57
CA GLY A 46 11.25 10.56 -9.64
C GLY A 46 11.14 9.08 -9.91
ZN ZN B . -2.62 -5.45 -7.96
N SER A 1 -6.42 -17.24 14.46
CA SER A 1 -7.82 -16.77 14.36
C SER A 1 -7.92 -15.28 14.65
N PHE A 2 -7.21 -14.83 15.69
CA PHE A 2 -7.23 -13.43 16.07
C PHE A 2 -6.48 -12.58 15.05
N GLU A 3 -7.21 -12.07 14.07
CA GLU A 3 -6.63 -11.24 13.02
C GLU A 3 -6.82 -9.76 13.34
N GLU A 4 -6.62 -9.40 14.60
CA GLU A 4 -6.78 -8.01 15.04
C GLU A 4 -5.82 -7.09 14.29
N ASP A 5 -6.29 -5.91 13.94
CA ASP A 5 -5.48 -4.93 13.21
C ASP A 5 -5.85 -3.51 13.62
N PRO A 6 -5.50 -3.10 14.84
CA PRO A 6 -5.78 -1.76 15.35
C PRO A 6 -4.92 -0.69 14.69
N GLU A 7 -3.66 -1.01 14.49
CA GLU A 7 -2.72 -0.10 13.86
C GLU A 7 -3.09 0.18 12.41
N ILE A 8 -2.82 1.40 11.95
CA ILE A 8 -3.12 1.78 10.58
C ILE A 8 -4.62 1.68 10.31
N SER A 9 -5.10 2.49 9.37
CA SER A 9 -6.52 2.48 9.02
C SER A 9 -6.72 1.98 7.59
N LEU A 10 -7.96 2.00 7.13
CA LEU A 10 -8.29 1.54 5.79
C LEU A 10 -8.22 2.69 4.78
N ALA A 11 -8.43 3.90 5.27
CA ALA A 11 -8.39 5.09 4.44
C ALA A 11 -7.02 5.30 3.81
N ASP A 12 -5.97 4.92 4.54
CA ASP A 12 -4.60 5.07 4.07
C ASP A 12 -4.29 4.11 2.92
N TYR A 13 -5.19 3.15 2.69
CA TYR A 13 -5.01 2.17 1.62
C TYR A 13 -4.70 2.84 0.28
N TRP A 14 -4.33 2.03 -0.71
CA TRP A 14 -4.01 2.54 -2.04
C TRP A 14 -4.59 1.62 -3.12
N LYS A 15 -4.68 2.13 -4.34
CA LYS A 15 -5.22 1.37 -5.45
C LYS A 15 -4.11 0.88 -6.36
N CYS A 16 -4.06 -0.43 -6.60
CA CYS A 16 -3.05 -1.03 -7.46
C CYS A 16 -3.08 -0.39 -8.86
N THR A 17 -1.92 0.07 -9.31
CA THR A 17 -1.81 0.73 -10.61
C THR A 17 -1.98 -0.24 -11.78
N SER A 18 -2.19 -1.53 -11.49
CA SER A 18 -2.35 -2.52 -12.55
C SER A 18 -3.72 -3.17 -12.49
N CYS A 19 -4.02 -3.78 -11.35
CA CYS A 19 -5.30 -4.46 -11.16
C CYS A 19 -6.32 -3.57 -10.44
N ASN A 20 -5.85 -2.46 -9.87
CA ASN A 20 -6.74 -1.55 -9.16
C ASN A 20 -7.42 -2.23 -7.98
N GLU A 21 -6.62 -2.64 -7.00
CA GLU A 21 -7.14 -3.30 -5.81
C GLU A 21 -6.89 -2.44 -4.58
N MET A 22 -7.57 -2.77 -3.48
CA MET A 22 -7.42 -2.03 -2.24
C MET A 22 -6.42 -2.71 -1.31
N ASN A 23 -5.21 -2.16 -1.25
CA ASN A 23 -4.16 -2.73 -0.41
C ASN A 23 -3.73 -1.74 0.67
N PRO A 24 -3.43 -2.25 1.89
CA PRO A 24 -2.99 -1.42 3.01
C PRO A 24 -1.61 -0.82 2.79
N PRO A 25 -1.25 0.22 3.54
CA PRO A 25 0.06 0.87 3.43
C PRO A 25 1.20 -0.13 3.58
N LEU A 26 0.96 -1.17 4.36
CA LEU A 26 1.95 -2.20 4.60
C LEU A 26 1.31 -3.59 4.51
N PRO A 27 1.76 -4.44 3.56
CA PRO A 27 2.83 -4.11 2.60
C PRO A 27 2.40 -3.06 1.58
N SER A 28 3.38 -2.44 0.94
CA SER A 28 3.09 -1.42 -0.06
C SER A 28 2.99 -2.04 -1.46
N HIS A 29 2.59 -3.30 -1.52
CA HIS A 29 2.46 -4.00 -2.80
C HIS A 29 1.17 -4.82 -2.82
N CYS A 30 0.56 -4.92 -4.00
CA CYS A 30 -0.68 -5.68 -4.15
C CYS A 30 -0.43 -7.16 -3.89
N ASN A 31 -0.99 -7.66 -2.79
CA ASN A 31 -0.82 -9.07 -2.44
C ASN A 31 -1.49 -10.00 -3.46
N ARG A 32 -2.34 -9.43 -4.32
CA ARG A 32 -3.03 -10.21 -5.33
C ARG A 32 -2.16 -10.43 -6.56
N CYS A 33 -2.09 -9.40 -7.41
CA CYS A 33 -1.29 -9.48 -8.63
C CYS A 33 0.20 -9.28 -8.35
N TRP A 34 0.50 -8.69 -7.19
CA TRP A 34 1.88 -8.43 -6.80
C TRP A 34 2.46 -7.26 -7.60
N ALA A 35 2.01 -6.06 -7.27
CA ALA A 35 2.47 -4.85 -7.95
C ALA A 35 2.80 -3.75 -6.95
N LEU A 36 4.08 -3.53 -6.70
CA LEU A 36 4.51 -2.50 -5.77
C LEU A 36 4.03 -1.12 -6.21
N ARG A 37 3.72 -0.26 -5.26
CA ARG A 37 3.25 1.08 -5.55
C ARG A 37 4.29 1.86 -6.35
N GLU A 38 3.82 2.81 -7.16
CA GLU A 38 4.71 3.62 -7.99
C GLU A 38 5.53 4.57 -7.12
N ASN A 39 4.92 5.06 -6.05
CA ASN A 39 5.59 5.97 -5.13
C ASN A 39 5.33 5.60 -3.69
N TRP A 40 6.31 4.99 -3.04
CA TRP A 40 6.19 4.57 -1.65
C TRP A 40 7.28 5.20 -0.80
N LEU A 41 8.50 5.20 -1.31
CA LEU A 41 9.63 5.78 -0.60
C LEU A 41 9.71 7.29 -0.80
N PRO A 42 10.34 8.01 0.13
CA PRO A 42 10.47 9.47 0.04
C PRO A 42 11.37 9.90 -1.12
N GLU A 43 10.83 10.75 -1.98
CA GLU A 43 11.59 11.24 -3.14
C GLU A 43 12.84 11.97 -2.69
N ASP A 44 13.93 11.77 -3.44
CA ASP A 44 15.20 12.42 -3.14
C ASP A 44 15.74 13.18 -4.34
N LYS A 45 15.87 14.49 -4.20
CA LYS A 45 16.38 15.32 -5.28
C LYS A 45 17.51 16.22 -4.79
N GLY A 46 18.60 16.25 -5.54
CA GLY A 46 19.74 17.07 -5.17
C GLY A 46 20.58 17.48 -6.37
ZN ZN B . -2.64 -5.63 -8.00
N SER A 1 3.12 -8.01 5.70
CA SER A 1 3.29 -9.48 5.66
C SER A 1 3.69 -10.02 7.02
N PHE A 2 4.63 -9.35 7.67
CA PHE A 2 5.10 -9.77 8.98
C PHE A 2 5.31 -8.57 9.90
N GLU A 3 4.51 -7.53 9.70
CA GLU A 3 4.60 -6.32 10.50
C GLU A 3 3.26 -5.99 11.15
N GLU A 4 3.26 -5.89 12.47
CA GLU A 4 2.04 -5.58 13.22
C GLU A 4 1.48 -4.21 12.82
N ASP A 5 0.22 -3.98 13.13
CA ASP A 5 -0.42 -2.71 12.80
C ASP A 5 -0.43 -1.78 14.01
N PRO A 6 0.52 -0.82 14.07
CA PRO A 6 0.61 0.13 15.19
C PRO A 6 -0.60 1.05 15.26
N GLU A 7 -0.91 1.71 14.14
CA GLU A 7 -2.04 2.62 14.08
C GLU A 7 -2.51 2.81 12.65
N ILE A 8 -2.39 1.75 11.85
CA ILE A 8 -2.82 1.80 10.46
C ILE A 8 -4.32 1.66 10.34
N SER A 9 -4.87 2.14 9.23
CA SER A 9 -6.31 2.07 8.99
C SER A 9 -6.61 1.65 7.56
N LEU A 10 -7.87 1.78 7.16
CA LEU A 10 -8.29 1.41 5.81
C LEU A 10 -8.26 2.62 4.87
N ALA A 11 -8.39 3.80 5.45
CA ALA A 11 -8.41 5.04 4.67
C ALA A 11 -7.06 5.27 3.98
N ASP A 12 -6.00 4.75 4.56
CA ASP A 12 -4.66 4.91 4.00
C ASP A 12 -4.44 3.98 2.81
N TYR A 13 -5.35 3.04 2.60
CA TYR A 13 -5.24 2.08 1.51
C TYR A 13 -5.00 2.79 0.17
N TRP A 14 -4.51 2.03 -0.81
CA TRP A 14 -4.25 2.57 -2.13
C TRP A 14 -4.78 1.64 -3.22
N LYS A 15 -4.92 2.18 -4.44
CA LYS A 15 -5.42 1.40 -5.56
C LYS A 15 -4.28 0.92 -6.46
N CYS A 16 -4.24 -0.37 -6.73
CA CYS A 16 -3.20 -0.94 -7.58
C CYS A 16 -3.26 -0.34 -8.98
N THR A 17 -2.12 0.16 -9.44
CA THR A 17 -2.03 0.79 -10.76
C THR A 17 -2.12 -0.23 -11.91
N SER A 18 -2.27 -1.51 -11.57
CA SER A 18 -2.36 -2.55 -12.60
C SER A 18 -3.71 -3.24 -12.56
N CYS A 19 -4.03 -3.82 -11.41
CA CYS A 19 -5.28 -4.54 -11.24
C CYS A 19 -6.35 -3.67 -10.57
N ASN A 20 -5.94 -2.54 -9.99
CA ASN A 20 -6.88 -1.64 -9.34
C ASN A 20 -7.56 -2.30 -8.15
N GLU A 21 -6.77 -2.66 -7.14
CA GLU A 21 -7.30 -3.30 -5.93
C GLU A 21 -7.01 -2.44 -4.71
N MET A 22 -7.68 -2.75 -3.60
CA MET A 22 -7.49 -2.00 -2.36
C MET A 22 -6.49 -2.68 -1.43
N ASN A 23 -5.26 -2.18 -1.41
CA ASN A 23 -4.21 -2.74 -0.56
C ASN A 23 -3.81 -1.76 0.54
N PRO A 24 -3.46 -2.27 1.73
CA PRO A 24 -3.05 -1.42 2.85
C PRO A 24 -1.71 -0.72 2.59
N PRO A 25 -1.41 0.33 3.36
CA PRO A 25 -0.17 1.09 3.20
C PRO A 25 1.07 0.21 3.29
N LEU A 26 0.96 -0.86 4.08
CA LEU A 26 2.07 -1.80 4.26
C LEU A 26 1.55 -3.24 4.28
N PRO A 27 2.12 -4.13 3.44
CA PRO A 27 3.22 -3.80 2.52
C PRO A 27 2.76 -2.90 1.37
N SER A 28 3.72 -2.25 0.72
CA SER A 28 3.42 -1.35 -0.40
C SER A 28 3.38 -2.11 -1.72
N HIS A 29 2.66 -3.22 -1.74
CA HIS A 29 2.53 -4.03 -2.95
C HIS A 29 1.24 -4.85 -2.92
N CYS A 30 0.58 -4.92 -4.07
CA CYS A 30 -0.68 -5.67 -4.18
C CYS A 30 -0.51 -7.12 -3.72
N ASN A 31 -1.27 -7.49 -2.69
CA ASN A 31 -1.20 -8.84 -2.16
C ASN A 31 -1.84 -9.86 -3.12
N ARG A 32 -2.48 -9.36 -4.18
CA ARG A 32 -3.12 -10.22 -5.16
C ARG A 32 -2.25 -10.41 -6.39
N CYS A 33 -2.06 -9.33 -7.15
CA CYS A 33 -1.26 -9.38 -8.37
C CYS A 33 0.22 -9.14 -8.09
N TRP A 34 0.54 -8.68 -6.88
CA TRP A 34 1.92 -8.40 -6.51
C TRP A 34 2.49 -7.24 -7.31
N ALA A 35 1.98 -6.04 -7.03
CA ALA A 35 2.42 -4.84 -7.73
C ALA A 35 2.91 -3.77 -6.75
N LEU A 36 4.20 -3.50 -6.77
CA LEU A 36 4.79 -2.50 -5.88
C LEU A 36 4.23 -1.11 -6.18
N ARG A 37 3.99 -0.34 -5.13
CA ARG A 37 3.46 1.01 -5.27
C ARG A 37 4.39 1.88 -6.12
N GLU A 38 3.81 2.84 -6.82
CA GLU A 38 4.59 3.74 -7.67
C GLU A 38 5.51 4.62 -6.83
N ASN A 39 5.07 4.93 -5.62
CA ASN A 39 5.86 5.75 -4.71
C ASN A 39 5.56 5.39 -3.26
N TRP A 40 6.45 4.62 -2.64
CA TRP A 40 6.28 4.21 -1.26
C TRP A 40 7.48 4.63 -0.41
N LEU A 41 8.67 4.40 -0.95
CA LEU A 41 9.90 4.75 -0.25
C LEU A 41 10.00 6.26 -0.03
N PRO A 42 10.37 6.69 1.19
CA PRO A 42 10.49 8.11 1.53
C PRO A 42 11.72 8.75 0.88
N GLU A 43 12.83 8.02 0.92
CA GLU A 43 14.09 8.52 0.35
C GLU A 43 14.28 7.99 -1.07
N ASP A 44 14.53 8.89 -2.01
CA ASP A 44 14.74 8.50 -3.40
C ASP A 44 16.05 7.76 -3.57
N LYS A 45 16.38 7.41 -4.81
CA LYS A 45 17.62 6.70 -5.11
C LYS A 45 18.80 7.66 -5.13
N GLY A 46 18.73 8.67 -5.99
CA GLY A 46 19.81 9.64 -6.09
C GLY A 46 19.32 11.00 -6.54
ZN ZN B . -2.76 -5.45 -7.98
N SER A 1 -10.15 -13.04 9.94
CA SER A 1 -9.75 -12.80 8.53
C SER A 1 -8.91 -11.52 8.41
N PHE A 2 -7.82 -11.46 9.17
CA PHE A 2 -6.94 -10.29 9.15
C PHE A 2 -5.69 -10.56 9.97
N GLU A 3 -5.87 -10.79 11.25
CA GLU A 3 -4.74 -11.05 12.15
C GLU A 3 -3.78 -9.88 12.18
N GLU A 4 -4.32 -8.67 12.11
CA GLU A 4 -3.51 -7.46 12.12
C GLU A 4 -3.11 -7.08 13.55
N ASP A 5 -1.81 -7.02 13.79
CA ASP A 5 -1.30 -6.66 15.12
C ASP A 5 -1.47 -5.17 15.38
N PRO A 6 -0.85 -4.32 14.55
CA PRO A 6 -0.93 -2.86 14.70
C PRO A 6 -2.28 -2.31 14.26
N GLU A 7 -2.95 -3.03 13.37
CA GLU A 7 -4.26 -2.60 12.87
C GLU A 7 -4.16 -1.23 12.20
N ILE A 8 -3.67 -1.23 10.96
CA ILE A 8 -3.54 0.02 10.20
C ILE A 8 -4.88 0.49 9.68
N SER A 9 -4.98 1.79 9.43
CA SER A 9 -6.22 2.39 8.92
C SER A 9 -6.48 1.94 7.49
N LEU A 10 -7.75 2.02 7.08
CA LEU A 10 -8.14 1.63 5.72
C LEU A 10 -8.07 2.80 4.76
N ALA A 11 -8.24 4.01 5.29
CA ALA A 11 -8.20 5.21 4.48
C ALA A 11 -6.84 5.44 3.85
N ASP A 12 -5.79 4.97 4.54
CA ASP A 12 -4.42 5.12 4.04
C ASP A 12 -4.14 4.16 2.88
N TYR A 13 -5.04 3.22 2.64
CA TYR A 13 -4.87 2.25 1.57
C TYR A 13 -4.56 2.92 0.23
N TRP A 14 -4.21 2.12 -0.76
CA TRP A 14 -3.88 2.62 -2.09
C TRP A 14 -4.47 1.72 -3.17
N LYS A 15 -4.60 2.27 -4.38
CA LYS A 15 -5.15 1.52 -5.50
C LYS A 15 -4.04 0.97 -6.40
N CYS A 16 -4.07 -0.32 -6.66
CA CYS A 16 -3.07 -0.96 -7.51
C CYS A 16 -3.10 -0.37 -8.91
N THR A 17 -1.94 0.08 -9.38
CA THR A 17 -1.84 0.68 -10.71
C THR A 17 -1.95 -0.35 -11.83
N SER A 18 -2.13 -1.63 -11.47
CA SER A 18 -2.23 -2.68 -12.48
C SER A 18 -3.61 -3.33 -12.44
N CYS A 19 -3.96 -3.89 -11.29
CA CYS A 19 -5.23 -4.55 -11.12
C CYS A 19 -6.29 -3.64 -10.49
N ASN A 20 -5.85 -2.51 -9.93
CA ASN A 20 -6.76 -1.56 -9.31
C ASN A 20 -7.49 -2.18 -8.12
N GLU A 21 -6.73 -2.53 -7.07
CA GLU A 21 -7.31 -3.12 -5.87
C GLU A 21 -6.96 -2.28 -4.65
N MET A 22 -7.63 -2.55 -3.54
CA MET A 22 -7.40 -1.82 -2.30
C MET A 22 -6.42 -2.57 -1.40
N ASN A 23 -5.19 -2.08 -1.34
CA ASN A 23 -4.16 -2.70 -0.51
C ASN A 23 -3.72 -1.76 0.62
N PRO A 24 -3.38 -2.33 1.79
CA PRO A 24 -2.94 -1.53 2.94
C PRO A 24 -1.58 -0.87 2.71
N PRO A 25 -1.36 0.30 3.31
CA PRO A 25 -0.09 1.04 3.16
C PRO A 25 1.13 0.15 3.38
N LEU A 26 0.98 -0.84 4.26
CA LEU A 26 2.07 -1.77 4.56
C LEU A 26 1.56 -3.20 4.66
N PRO A 27 2.06 -4.12 3.80
CA PRO A 27 3.08 -3.81 2.80
C PRO A 27 2.54 -2.95 1.66
N SER A 28 3.44 -2.32 0.93
CA SER A 28 3.05 -1.46 -0.19
C SER A 28 3.01 -2.24 -1.50
N HIS A 29 2.58 -3.50 -1.43
CA HIS A 29 2.49 -4.35 -2.61
C HIS A 29 1.17 -5.08 -2.66
N CYS A 30 0.60 -5.21 -3.86
CA CYS A 30 -0.69 -5.88 -4.03
C CYS A 30 -0.60 -7.33 -3.57
N ASN A 31 -1.38 -7.67 -2.55
CA ASN A 31 -1.40 -9.03 -2.02
C ASN A 31 -2.02 -10.00 -3.02
N ARG A 32 -2.63 -9.46 -4.08
CA ARG A 32 -3.27 -10.30 -5.09
C ARG A 32 -2.37 -10.48 -6.32
N CYS A 33 -2.20 -9.41 -7.09
CA CYS A 33 -1.38 -9.46 -8.30
C CYS A 33 0.10 -9.19 -8.00
N TRP A 34 0.39 -8.69 -6.80
CA TRP A 34 1.77 -8.39 -6.41
C TRP A 34 2.34 -7.26 -7.26
N ALA A 35 1.91 -6.04 -6.98
CA ALA A 35 2.38 -4.88 -7.71
C ALA A 35 2.68 -3.72 -6.77
N LEU A 36 3.96 -3.56 -6.41
CA LEU A 36 4.37 -2.50 -5.50
C LEU A 36 3.97 -1.13 -6.05
N ARG A 37 3.66 -0.21 -5.14
CA ARG A 37 3.26 1.14 -5.53
C ARG A 37 4.33 1.80 -6.38
N GLU A 38 3.95 2.84 -7.13
CA GLU A 38 4.88 3.56 -7.99
C GLU A 38 5.59 4.66 -7.22
N ASN A 39 4.88 5.27 -6.28
CA ASN A 39 5.45 6.35 -5.48
C ASN A 39 5.32 6.04 -3.99
N TRP A 40 6.46 5.80 -3.34
CA TRP A 40 6.48 5.49 -1.91
C TRP A 40 7.70 6.10 -1.24
N LEU A 41 8.85 5.96 -1.88
CA LEU A 41 10.10 6.49 -1.34
C LEU A 41 10.10 8.02 -1.36
N PRO A 42 10.47 8.67 -0.25
CA PRO A 42 10.49 10.14 -0.17
C PRO A 42 11.34 10.77 -1.26
N GLU A 43 10.84 11.86 -1.83
CA GLU A 43 11.55 12.56 -2.90
C GLU A 43 12.93 13.02 -2.42
N ASP A 44 13.96 12.70 -3.20
CA ASP A 44 15.32 13.09 -2.85
C ASP A 44 15.96 13.90 -3.98
N LYS A 45 16.13 15.20 -3.74
CA LYS A 45 16.73 16.08 -4.74
C LYS A 45 18.25 16.04 -4.66
N GLY A 46 18.86 15.40 -5.66
CA GLY A 46 20.31 15.31 -5.70
C GLY A 46 20.78 13.99 -6.29
ZN ZN B . -2.81 -5.52 -7.92
N SER A 1 4.47 10.76 20.76
CA SER A 1 4.99 12.15 20.63
C SER A 1 5.56 12.41 19.24
N PHE A 2 6.71 11.79 18.95
CA PHE A 2 7.35 11.95 17.65
C PHE A 2 7.26 10.67 16.83
N GLU A 3 7.21 9.54 17.52
CA GLU A 3 7.12 8.24 16.85
C GLU A 3 5.87 8.16 15.98
N GLU A 4 5.95 7.37 14.91
CA GLU A 4 4.83 7.21 13.99
C GLU A 4 3.62 6.64 14.71
N ASP A 5 2.54 6.42 13.96
CA ASP A 5 1.31 5.88 14.52
C ASP A 5 1.06 4.46 14.00
N PRO A 6 1.51 3.43 14.75
CA PRO A 6 1.33 2.03 14.35
C PRO A 6 -0.12 1.72 13.98
N GLU A 7 -1.06 2.49 14.53
CA GLU A 7 -2.47 2.29 14.26
C GLU A 7 -2.76 2.44 12.76
N ILE A 8 -2.87 1.30 12.08
CA ILE A 8 -3.14 1.31 10.64
C ILE A 8 -4.62 1.55 10.37
N SER A 9 -4.92 2.05 9.18
CA SER A 9 -6.29 2.32 8.79
C SER A 9 -6.54 1.92 7.34
N LEU A 10 -7.81 1.80 6.97
CA LEU A 10 -8.18 1.42 5.61
C LEU A 10 -8.11 2.61 4.66
N ALA A 11 -8.27 3.80 5.21
CA ALA A 11 -8.24 5.03 4.42
C ALA A 11 -6.87 5.26 3.79
N ASP A 12 -5.83 4.76 4.46
CA ASP A 12 -4.46 4.91 3.96
C ASP A 12 -4.18 3.98 2.79
N TYR A 13 -5.09 3.05 2.53
CA TYR A 13 -4.92 2.09 1.44
C TYR A 13 -4.64 2.78 0.12
N TRP A 14 -4.26 1.99 -0.88
CA TRP A 14 -3.96 2.52 -2.21
C TRP A 14 -4.54 1.64 -3.30
N LYS A 15 -4.62 2.17 -4.51
CA LYS A 15 -5.16 1.43 -5.65
C LYS A 15 -4.05 0.93 -6.56
N CYS A 16 -3.98 -0.39 -6.76
CA CYS A 16 -2.97 -0.98 -7.63
C CYS A 16 -3.04 -0.39 -9.03
N THR A 17 -1.91 0.09 -9.53
CA THR A 17 -1.84 0.70 -10.85
C THR A 17 -1.99 -0.33 -11.98
N SER A 18 -2.16 -1.60 -11.64
CA SER A 18 -2.31 -2.64 -12.66
C SER A 18 -3.68 -3.28 -12.59
N CYS A 19 -4.00 -3.84 -11.43
CA CYS A 19 -5.29 -4.50 -11.23
C CYS A 19 -6.31 -3.58 -10.56
N ASN A 20 -5.84 -2.50 -9.94
CA ASN A 20 -6.72 -1.55 -9.27
C ASN A 20 -7.41 -2.17 -8.06
N GLU A 21 -6.61 -2.54 -7.06
CA GLU A 21 -7.15 -3.14 -5.83
C GLU A 21 -6.78 -2.29 -4.62
N MET A 22 -7.49 -2.49 -3.53
CA MET A 22 -7.25 -1.73 -2.30
C MET A 22 -6.30 -2.48 -1.38
N ASN A 23 -5.04 -2.06 -1.35
CA ASN A 23 -4.04 -2.70 -0.50
C ASN A 23 -3.60 -1.76 0.62
N PRO A 24 -3.27 -2.32 1.80
CA PRO A 24 -2.82 -1.52 2.94
C PRO A 24 -1.47 -0.86 2.71
N PRO A 25 -1.16 0.19 3.49
CA PRO A 25 0.11 0.92 3.36
C PRO A 25 1.32 0.00 3.54
N LEU A 26 1.17 -1.02 4.38
CA LEU A 26 2.24 -1.96 4.65
C LEU A 26 1.71 -3.40 4.65
N PRO A 27 2.20 -4.25 3.73
CA PRO A 27 3.22 -3.90 2.72
C PRO A 27 2.67 -2.95 1.67
N SER A 28 3.57 -2.27 0.97
CA SER A 28 3.18 -1.33 -0.08
C SER A 28 3.10 -2.01 -1.44
N HIS A 29 2.64 -3.26 -1.45
CA HIS A 29 2.52 -4.02 -2.69
C HIS A 29 1.18 -4.75 -2.75
N CYS A 30 0.70 -4.99 -3.96
CA CYS A 30 -0.57 -5.67 -4.14
C CYS A 30 -0.48 -7.15 -3.73
N ASN A 31 -1.24 -7.52 -2.72
CA ASN A 31 -1.25 -8.89 -2.23
C ASN A 31 -2.00 -9.83 -3.18
N ARG A 32 -2.60 -9.26 -4.23
CA ARG A 32 -3.35 -10.05 -5.20
C ARG A 32 -2.52 -10.32 -6.46
N CYS A 33 -2.16 -9.26 -7.17
CA CYS A 33 -1.37 -9.40 -8.40
C CYS A 33 0.13 -9.17 -8.15
N TRP A 34 0.49 -8.77 -6.93
CA TRP A 34 1.89 -8.51 -6.61
C TRP A 34 2.42 -7.34 -7.42
N ALA A 35 2.03 -6.13 -7.03
CA ALA A 35 2.46 -4.93 -7.73
C ALA A 35 2.78 -3.80 -6.74
N LEU A 36 4.05 -3.43 -6.65
CA LEU A 36 4.47 -2.38 -5.75
C LEU A 36 3.98 -1.03 -6.24
N ARG A 37 3.47 -0.22 -5.30
CA ARG A 37 2.95 1.11 -5.63
C ARG A 37 3.99 1.93 -6.39
N GLU A 38 3.53 2.96 -7.09
CA GLU A 38 4.42 3.82 -7.86
C GLU A 38 5.25 4.70 -6.93
N ASN A 39 4.68 5.04 -5.78
CA ASN A 39 5.35 5.88 -4.80
C ASN A 39 4.97 5.46 -3.38
N TRP A 40 5.79 4.60 -2.78
CA TRP A 40 5.54 4.13 -1.42
C TRP A 40 6.49 4.79 -0.43
N LEU A 41 7.78 4.78 -0.75
CA LEU A 41 8.79 5.37 0.11
C LEU A 41 8.49 6.86 0.35
N PRO A 42 8.09 7.22 1.57
CA PRO A 42 7.79 8.62 1.92
C PRO A 42 9.04 9.47 2.05
N GLU A 43 8.87 10.72 2.46
CA GLU A 43 9.97 11.65 2.62
C GLU A 43 10.84 11.25 3.82
N ASP A 44 11.49 10.09 3.71
CA ASP A 44 12.35 9.59 4.78
C ASP A 44 13.82 9.75 4.41
N LYS A 45 14.12 9.61 3.12
CA LYS A 45 15.48 9.73 2.64
C LYS A 45 15.77 11.16 2.16
N GLY A 46 14.76 11.79 1.56
CA GLY A 46 14.92 13.14 1.08
C GLY A 46 13.74 13.59 0.23
ZN ZN B . -2.71 -5.47 -8.09
N SER A 1 4.66 2.98 28.01
CA SER A 1 5.31 2.07 27.03
C SER A 1 5.78 2.84 25.79
N PHE A 2 6.79 2.30 25.12
CA PHE A 2 7.32 2.92 23.92
C PHE A 2 7.20 2.00 22.71
N GLU A 3 6.14 1.21 22.69
CA GLU A 3 5.91 0.28 21.59
C GLU A 3 5.10 0.93 20.48
N GLU A 4 5.50 0.71 19.23
CA GLU A 4 4.81 1.27 18.08
C GLU A 4 3.36 0.80 18.02
N ASP A 5 2.65 1.22 16.99
CA ASP A 5 1.25 0.84 16.82
C ASP A 5 0.99 0.30 15.41
N PRO A 6 1.19 -1.01 15.21
CA PRO A 6 0.99 -1.65 13.90
C PRO A 6 -0.41 -1.39 13.34
N GLU A 7 -1.35 -1.06 14.23
CA GLU A 7 -2.73 -0.79 13.82
C GLU A 7 -2.78 0.23 12.70
N ILE A 8 -2.80 -0.26 11.46
CA ILE A 8 -2.85 0.60 10.29
C ILE A 8 -4.28 1.04 9.97
N SER A 9 -4.41 2.14 9.24
CA SER A 9 -5.72 2.67 8.87
C SER A 9 -6.10 2.24 7.46
N LEU A 10 -7.34 2.53 7.08
CA LEU A 10 -7.83 2.17 5.75
C LEU A 10 -7.69 3.33 4.77
N ALA A 11 -7.70 4.55 5.31
CA ALA A 11 -7.58 5.75 4.49
C ALA A 11 -6.23 5.82 3.80
N ASP A 12 -5.22 5.16 4.37
CA ASP A 12 -3.88 5.16 3.80
C ASP A 12 -3.76 4.19 2.64
N TYR A 13 -4.78 3.35 2.44
CA TYR A 13 -4.77 2.37 1.36
C TYR A 13 -4.43 3.01 0.03
N TRP A 14 -4.17 2.15 -0.97
CA TRP A 14 -3.82 2.63 -2.30
C TRP A 14 -4.43 1.73 -3.38
N LYS A 15 -4.44 2.22 -4.61
CA LYS A 15 -5.00 1.45 -5.73
C LYS A 15 -3.90 0.88 -6.61
N CYS A 16 -4.03 -0.40 -6.95
CA CYS A 16 -3.05 -1.08 -7.80
C CYS A 16 -3.11 -0.54 -9.22
N THR A 17 -1.97 -0.08 -9.72
CA THR A 17 -1.88 0.48 -11.07
C THR A 17 -1.98 -0.60 -12.16
N SER A 18 -2.14 -1.86 -11.77
CA SER A 18 -2.25 -2.94 -12.75
C SER A 18 -3.61 -3.61 -12.67
N CYS A 19 -3.93 -4.12 -11.48
CA CYS A 19 -5.20 -4.81 -11.27
C CYS A 19 -6.27 -3.88 -10.68
N ASN A 20 -5.85 -2.72 -10.17
CA ASN A 20 -6.78 -1.76 -9.59
C ASN A 20 -7.48 -2.34 -8.36
N GLU A 21 -6.69 -2.65 -7.32
CA GLU A 21 -7.24 -3.21 -6.09
C GLU A 21 -6.90 -2.30 -4.91
N MET A 22 -7.57 -2.52 -3.78
CA MET A 22 -7.34 -1.72 -2.58
C MET A 22 -6.41 -2.45 -1.60
N ASN A 23 -5.16 -2.02 -1.56
CA ASN A 23 -4.18 -2.63 -0.66
C ASN A 23 -3.72 -1.65 0.42
N PRO A 24 -3.51 -2.14 1.65
CA PRO A 24 -3.07 -1.30 2.77
C PRO A 24 -1.65 -0.77 2.57
N PRO A 25 -1.25 0.23 3.37
CA PRO A 25 0.09 0.82 3.29
C PRO A 25 1.19 -0.21 3.49
N LEU A 26 0.90 -1.23 4.29
CA LEU A 26 1.86 -2.29 4.56
C LEU A 26 1.18 -3.66 4.48
N PRO A 27 1.64 -4.54 3.57
CA PRO A 27 2.75 -4.26 2.65
C PRO A 27 2.38 -3.22 1.60
N SER A 28 3.40 -2.63 0.98
CA SER A 28 3.18 -1.62 -0.05
C SER A 28 3.07 -2.25 -1.44
N HIS A 29 2.60 -3.49 -1.50
CA HIS A 29 2.43 -4.18 -2.77
C HIS A 29 1.15 -5.01 -2.78
N CYS A 30 0.55 -5.14 -3.95
CA CYS A 30 -0.70 -5.89 -4.09
C CYS A 30 -0.52 -7.35 -3.66
N ASN A 31 -1.29 -7.75 -2.65
CA ASN A 31 -1.22 -9.11 -2.14
C ASN A 31 -1.85 -10.11 -3.13
N ARG A 32 -2.47 -9.59 -4.19
CA ARG A 32 -3.10 -10.45 -5.19
C ARG A 32 -2.21 -10.62 -6.41
N CYS A 33 -2.00 -9.54 -7.16
CA CYS A 33 -1.18 -9.59 -8.36
C CYS A 33 0.29 -9.31 -8.06
N TRP A 34 0.59 -8.85 -6.84
CA TRP A 34 1.96 -8.55 -6.45
C TRP A 34 2.51 -7.37 -7.25
N ALA A 35 2.03 -6.17 -6.94
CA ALA A 35 2.48 -4.97 -7.62
C ALA A 35 2.86 -3.87 -6.63
N LEU A 36 4.07 -3.36 -6.77
CA LEU A 36 4.55 -2.30 -5.88
C LEU A 36 3.91 -0.97 -6.24
N ARG A 37 3.31 -0.32 -5.24
CA ARG A 37 2.66 0.97 -5.45
C ARG A 37 3.66 2.02 -5.95
N GLU A 38 3.16 3.22 -6.21
CA GLU A 38 4.00 4.32 -6.68
C GLU A 38 3.90 5.52 -5.75
N ASN A 39 3.60 5.26 -4.48
CA ASN A 39 3.48 6.33 -3.49
C ASN A 39 4.61 6.26 -2.47
N TRP A 40 5.21 5.07 -2.33
CA TRP A 40 6.30 4.87 -1.37
C TRP A 40 7.47 5.82 -1.68
N LEU A 41 8.64 5.50 -1.16
CA LEU A 41 9.83 6.32 -1.38
C LEU A 41 10.12 6.47 -2.86
N PRO A 42 10.28 7.72 -3.35
CA PRO A 42 10.58 7.99 -4.75
C PRO A 42 12.01 7.63 -5.14
N GLU A 43 12.35 7.82 -6.41
CA GLU A 43 13.68 7.53 -6.89
C GLU A 43 14.74 8.35 -6.15
N ASP A 44 15.50 7.68 -5.29
CA ASP A 44 16.54 8.34 -4.52
C ASP A 44 17.38 7.32 -3.75
N LYS A 45 18.70 7.42 -3.90
CA LYS A 45 19.62 6.51 -3.22
C LYS A 45 20.63 7.28 -2.38
N GLY A 46 20.43 7.27 -1.07
CA GLY A 46 21.33 7.96 -0.17
C GLY A 46 20.83 7.98 1.26
ZN ZN B . -2.64 -5.70 -7.90
N SER A 1 -14.47 -2.49 30.66
CA SER A 1 -14.04 -2.73 29.25
C SER A 1 -12.67 -2.13 28.99
N PHE A 2 -12.25 -2.16 27.72
CA PHE A 2 -10.95 -1.63 27.33
C PHE A 2 -11.12 -0.44 26.40
N GLU A 3 -10.12 0.45 26.39
CA GLU A 3 -10.15 1.63 25.54
C GLU A 3 -9.97 1.24 24.07
N GLU A 4 -10.86 1.76 23.22
CA GLU A 4 -10.80 1.47 21.79
C GLU A 4 -9.48 1.96 21.20
N ASP A 5 -8.98 1.22 20.21
CA ASP A 5 -7.73 1.56 19.55
C ASP A 5 -7.95 1.85 18.07
N PRO A 6 -7.54 3.04 17.59
CA PRO A 6 -7.69 3.41 16.18
C PRO A 6 -7.10 2.38 15.24
N GLU A 7 -5.80 2.14 15.38
CA GLU A 7 -5.10 1.18 14.53
C GLU A 7 -5.20 1.56 13.07
N ILE A 8 -4.49 0.82 12.22
CA ILE A 8 -4.50 1.09 10.79
C ILE A 8 -5.91 0.98 10.21
N SER A 9 -6.13 1.65 9.08
CA SER A 9 -7.44 1.64 8.44
C SER A 9 -7.30 1.65 6.92
N LEU A 10 -8.43 1.71 6.24
CA LEU A 10 -8.44 1.72 4.77
C LEU A 10 -8.16 3.13 4.23
N ALA A 11 -8.28 4.13 5.10
CA ALA A 11 -8.06 5.52 4.70
C ALA A 11 -6.64 5.73 4.19
N ASP A 12 -5.71 4.91 4.65
CA ASP A 12 -4.31 5.02 4.23
C ASP A 12 -3.98 4.07 3.09
N TYR A 13 -4.90 3.15 2.79
CA TYR A 13 -4.68 2.18 1.73
C TYR A 13 -4.36 2.85 0.39
N TRP A 14 -4.10 2.04 -0.62
CA TRP A 14 -3.78 2.55 -1.94
C TRP A 14 -4.38 1.65 -3.03
N LYS A 15 -4.57 2.20 -4.22
CA LYS A 15 -5.14 1.44 -5.34
C LYS A 15 -4.04 0.96 -6.27
N CYS A 16 -4.04 -0.35 -6.54
CA CYS A 16 -3.04 -0.94 -7.43
C CYS A 16 -3.13 -0.33 -8.83
N THR A 17 -1.99 0.15 -9.32
CA THR A 17 -1.93 0.78 -10.63
C THR A 17 -2.09 -0.22 -11.78
N SER A 18 -2.27 -1.50 -11.45
CA SER A 18 -2.44 -2.51 -12.49
C SER A 18 -3.81 -3.16 -12.41
N CYS A 19 -4.11 -3.75 -11.26
CA CYS A 19 -5.39 -4.41 -11.05
C CYS A 19 -6.39 -3.51 -10.35
N ASN A 20 -5.92 -2.42 -9.75
CA ASN A 20 -6.80 -1.47 -9.05
C ASN A 20 -7.46 -2.13 -7.84
N GLU A 21 -6.65 -2.55 -6.87
CA GLU A 21 -7.17 -3.17 -5.66
C GLU A 21 -6.81 -2.33 -4.44
N MET A 22 -7.45 -2.62 -3.31
CA MET A 22 -7.21 -1.90 -2.07
C MET A 22 -6.22 -2.62 -1.18
N ASN A 23 -4.97 -2.15 -1.17
CA ASN A 23 -3.93 -2.77 -0.35
C ASN A 23 -3.47 -1.82 0.75
N PRO A 24 -3.19 -2.35 1.95
CA PRO A 24 -2.74 -1.54 3.09
C PRO A 24 -1.37 -0.90 2.82
N PRO A 25 -1.00 0.11 3.62
CA PRO A 25 0.29 0.80 3.48
C PRO A 25 1.48 -0.14 3.59
N LEU A 26 1.33 -1.18 4.39
CA LEU A 26 2.39 -2.17 4.58
C LEU A 26 1.82 -3.59 4.53
N PRO A 27 2.32 -4.44 3.61
CA PRO A 27 3.38 -4.10 2.66
C PRO A 27 2.91 -3.10 1.60
N SER A 28 3.86 -2.44 0.95
CA SER A 28 3.55 -1.47 -0.09
C SER A 28 3.46 -2.13 -1.47
N HIS A 29 2.79 -3.28 -1.53
CA HIS A 29 2.63 -4.00 -2.78
C HIS A 29 1.31 -4.76 -2.80
N CYS A 30 0.72 -4.90 -3.99
CA CYS A 30 -0.55 -5.60 -4.13
C CYS A 30 -0.40 -7.07 -3.77
N ASN A 31 -1.10 -7.49 -2.73
CA ASN A 31 -1.06 -8.88 -2.29
C ASN A 31 -1.86 -9.79 -3.21
N ARG A 32 -2.53 -9.21 -4.19
CA ARG A 32 -3.33 -9.97 -5.14
C ARG A 32 -2.55 -10.26 -6.42
N CYS A 33 -2.19 -9.20 -7.14
CA CYS A 33 -1.44 -9.36 -8.39
C CYS A 33 0.06 -9.16 -8.19
N TRP A 34 0.47 -8.85 -6.96
CA TRP A 34 1.88 -8.62 -6.66
C TRP A 34 2.41 -7.41 -7.44
N ALA A 35 2.00 -6.23 -7.02
CA ALA A 35 2.43 -5.00 -7.68
C ALA A 35 2.88 -3.95 -6.67
N LEU A 36 4.11 -3.46 -6.84
CA LEU A 36 4.66 -2.46 -5.93
C LEU A 36 4.03 -1.10 -6.20
N ARG A 37 3.91 -0.29 -5.15
CA ARG A 37 3.33 1.05 -5.27
C ARG A 37 4.01 1.84 -6.39
N GLU A 38 3.25 2.76 -6.99
CA GLU A 38 3.78 3.59 -8.07
C GLU A 38 4.76 4.63 -7.53
N ASN A 39 4.54 5.05 -6.29
CA ASN A 39 5.40 6.03 -5.65
C ASN A 39 5.47 5.79 -4.14
N TRP A 40 6.51 5.10 -3.70
CA TRP A 40 6.70 4.81 -2.28
C TRP A 40 8.02 5.37 -1.78
N LEU A 41 9.07 5.18 -2.56
CA LEU A 41 10.41 5.65 -2.20
C LEU A 41 10.44 7.18 -2.17
N PRO A 42 10.88 7.77 -1.05
CA PRO A 42 10.95 9.23 -0.90
C PRO A 42 11.72 9.89 -2.04
N GLU A 43 12.65 9.14 -2.64
CA GLU A 43 13.45 9.66 -3.73
C GLU A 43 13.00 9.05 -5.06
N ASP A 44 11.95 9.63 -5.64
CA ASP A 44 11.42 9.15 -6.91
C ASP A 44 11.17 10.31 -7.87
N LYS A 45 11.08 10.01 -9.15
CA LYS A 45 10.85 11.03 -10.17
C LYS A 45 11.97 12.06 -10.19
N GLY A 46 12.76 12.04 -11.24
CA GLY A 46 13.87 12.98 -11.37
C GLY A 46 14.94 12.51 -12.33
ZN ZN B . -2.79 -5.44 -7.98
N SER A 1 -18.11 -5.50 12.86
CA SER A 1 -17.19 -4.65 12.08
C SER A 1 -15.93 -5.42 11.68
N PHE A 2 -15.42 -5.11 10.48
CA PHE A 2 -14.22 -5.77 9.98
C PHE A 2 -13.13 -4.75 9.64
N GLU A 3 -11.95 -4.94 10.23
CA GLU A 3 -10.83 -4.04 9.99
C GLU A 3 -9.53 -4.63 10.55
N GLU A 4 -8.84 -5.40 9.72
CA GLU A 4 -7.58 -6.02 10.12
C GLU A 4 -6.56 -4.96 10.50
N ASP A 5 -5.76 -5.26 11.53
CA ASP A 5 -4.75 -4.33 12.01
C ASP A 5 -5.36 -3.02 12.47
N PRO A 6 -5.93 -2.99 13.69
CA PRO A 6 -6.56 -1.79 14.24
C PRO A 6 -5.64 -0.58 14.19
N GLU A 7 -4.34 -0.83 14.18
CA GLU A 7 -3.35 0.25 14.13
C GLU A 7 -3.55 1.12 12.90
N ILE A 8 -3.09 0.61 11.76
CA ILE A 8 -3.21 1.34 10.49
C ILE A 8 -4.68 1.54 10.12
N SER A 9 -4.94 2.56 9.31
CA SER A 9 -6.29 2.87 8.88
C SER A 9 -6.60 2.22 7.53
N LEU A 10 -7.87 2.18 7.17
CA LEU A 10 -8.29 1.59 5.90
C LEU A 10 -8.34 2.64 4.80
N ALA A 11 -8.64 3.87 5.17
CA ALA A 11 -8.73 4.97 4.22
C ALA A 11 -7.37 5.25 3.59
N ASP A 12 -6.31 5.01 4.35
CA ASP A 12 -4.96 5.24 3.86
C ASP A 12 -4.58 4.25 2.76
N TYR A 13 -5.40 3.20 2.59
CA TYR A 13 -5.14 2.19 1.58
C TYR A 13 -4.86 2.81 0.21
N TRP A 14 -4.19 2.05 -0.65
CA TRP A 14 -3.87 2.54 -2.00
C TRP A 14 -4.42 1.59 -3.05
N LYS A 15 -4.84 2.15 -4.18
CA LYS A 15 -5.40 1.36 -5.27
C LYS A 15 -4.31 0.90 -6.24
N CYS A 16 -4.26 -0.39 -6.52
CA CYS A 16 -3.27 -0.94 -7.44
C CYS A 16 -3.38 -0.29 -8.81
N THR A 17 -2.26 0.22 -9.31
CA THR A 17 -2.23 0.89 -10.61
C THR A 17 -2.36 -0.08 -11.79
N SER A 18 -2.47 -1.37 -11.50
CA SER A 18 -2.60 -2.37 -12.56
C SER A 18 -3.92 -3.12 -12.46
N CYS A 19 -4.14 -3.73 -11.30
CA CYS A 19 -5.36 -4.51 -11.08
C CYS A 19 -6.43 -3.69 -10.35
N ASN A 20 -6.04 -2.53 -9.81
CA ASN A 20 -6.99 -1.68 -9.10
C ASN A 20 -7.61 -2.40 -7.91
N GLU A 21 -6.77 -2.71 -6.92
CA GLU A 21 -7.23 -3.41 -5.71
C GLU A 21 -6.96 -2.57 -4.47
N MET A 22 -7.64 -2.89 -3.38
CA MET A 22 -7.47 -2.17 -2.13
C MET A 22 -6.36 -2.79 -1.30
N ASN A 23 -5.20 -2.15 -1.30
CA ASN A 23 -4.05 -2.64 -0.55
C ASN A 23 -3.68 -1.69 0.58
N PRO A 24 -3.37 -2.23 1.78
CA PRO A 24 -2.99 -1.43 2.95
C PRO A 24 -1.66 -0.73 2.74
N PRO A 25 -1.44 0.41 3.42
CA PRO A 25 -0.19 1.16 3.30
C PRO A 25 1.03 0.29 3.55
N LEU A 26 0.84 -0.80 4.29
CA LEU A 26 1.93 -1.72 4.61
C LEU A 26 1.46 -3.17 4.47
N PRO A 27 2.09 -3.96 3.56
CA PRO A 27 3.19 -3.50 2.71
C PRO A 27 2.71 -2.71 1.52
N SER A 28 3.60 -1.94 0.91
CA SER A 28 3.26 -1.12 -0.25
C SER A 28 3.30 -1.95 -1.53
N HIS A 29 2.65 -3.12 -1.51
CA HIS A 29 2.61 -3.98 -2.68
C HIS A 29 1.34 -4.81 -2.71
N CYS A 30 0.71 -4.89 -3.88
CA CYS A 30 -0.53 -5.64 -4.04
C CYS A 30 -0.30 -7.12 -3.78
N ASN A 31 -0.93 -7.64 -2.73
CA ASN A 31 -0.79 -9.04 -2.37
C ASN A 31 -1.39 -9.96 -3.43
N ARG A 32 -2.19 -9.38 -4.33
CA ARG A 32 -2.84 -10.15 -5.39
C ARG A 32 -1.92 -10.30 -6.60
N CYS A 33 -1.78 -9.23 -7.37
CA CYS A 33 -0.96 -9.25 -8.57
C CYS A 33 0.52 -8.99 -8.25
N TRP A 34 0.78 -8.30 -7.15
CA TRP A 34 2.16 -7.98 -6.75
C TRP A 34 2.76 -6.96 -7.70
N ALA A 35 2.02 -5.90 -7.99
CA ALA A 35 2.47 -4.84 -8.88
C ALA A 35 3.40 -3.88 -8.16
N LEU A 36 3.30 -3.83 -6.85
CA LEU A 36 4.14 -2.94 -6.04
C LEU A 36 3.76 -1.48 -6.28
N ARG A 37 3.60 -0.73 -5.20
CA ARG A 37 3.23 0.67 -5.28
C ARG A 37 4.24 1.46 -6.12
N GLU A 38 3.77 2.52 -6.76
CA GLU A 38 4.64 3.35 -7.60
C GLU A 38 5.54 4.23 -6.74
N ASN A 39 5.03 4.64 -5.58
CA ASN A 39 5.78 5.49 -4.66
C ASN A 39 5.69 4.97 -3.24
N TRP A 40 6.81 4.45 -2.73
CA TRP A 40 6.86 3.91 -1.38
C TRP A 40 8.17 4.28 -0.70
N LEU A 41 9.28 4.02 -1.39
CA LEU A 41 10.60 4.31 -0.87
C LEU A 41 10.76 5.79 -0.56
N PRO A 42 10.91 6.15 0.73
CA PRO A 42 11.07 7.54 1.15
C PRO A 42 12.52 8.02 1.07
N GLU A 43 13.20 7.66 -0.01
CA GLU A 43 14.59 8.06 -0.21
C GLU A 43 14.68 9.53 -0.65
N ASP A 44 15.29 10.35 0.19
CA ASP A 44 15.44 11.77 -0.10
C ASP A 44 14.08 12.43 -0.26
N LYS A 45 13.65 13.15 0.77
CA LYS A 45 12.36 13.83 0.74
C LYS A 45 12.54 15.32 0.48
N GLY A 46 13.57 15.67 -0.29
CA GLY A 46 13.83 17.06 -0.61
C GLY A 46 15.17 17.24 -1.29
ZN ZN B . -2.55 -5.52 -7.86
N SER A 1 -19.20 -11.03 3.68
CA SER A 1 -17.98 -11.40 2.92
C SER A 1 -16.88 -10.35 3.06
N PHE A 2 -16.45 -10.11 4.29
CA PHE A 2 -15.41 -9.12 4.56
C PHE A 2 -14.24 -9.75 5.29
N GLU A 3 -13.14 -9.00 5.39
CA GLU A 3 -11.93 -9.48 6.07
C GLU A 3 -11.43 -8.45 7.06
N GLU A 4 -11.70 -8.69 8.34
CA GLU A 4 -11.27 -7.78 9.40
C GLU A 4 -9.75 -7.65 9.41
N ASP A 5 -9.26 -6.44 9.13
CA ASP A 5 -7.83 -6.18 9.10
C ASP A 5 -7.42 -5.26 10.26
N PRO A 6 -6.97 -5.84 11.39
CA PRO A 6 -6.55 -5.07 12.55
C PRO A 6 -5.51 -4.01 12.21
N GLU A 7 -4.80 -4.22 11.11
CA GLU A 7 -3.78 -3.28 10.66
C GLU A 7 -4.33 -1.86 10.55
N ILE A 8 -3.51 -0.94 10.06
CA ILE A 8 -3.91 0.46 9.92
C ILE A 8 -5.27 0.57 9.23
N SER A 9 -5.95 1.69 9.44
CA SER A 9 -7.26 1.93 8.86
C SER A 9 -7.23 1.71 7.35
N LEU A 10 -8.40 1.76 6.72
CA LEU A 10 -8.52 1.56 5.28
C LEU A 10 -8.36 2.87 4.52
N ALA A 11 -8.51 3.99 5.23
CA ALA A 11 -8.39 5.31 4.62
C ALA A 11 -6.99 5.55 4.06
N ASP A 12 -6.00 4.87 4.62
CA ASP A 12 -4.62 5.03 4.18
C ASP A 12 -4.27 4.08 3.03
N TYR A 13 -5.18 3.16 2.74
CA TYR A 13 -4.95 2.19 1.67
C TYR A 13 -4.66 2.87 0.35
N TRP A 14 -4.25 2.08 -0.64
CA TRP A 14 -3.94 2.61 -1.97
C TRP A 14 -4.53 1.71 -3.05
N LYS A 15 -4.60 2.23 -4.27
CA LYS A 15 -5.15 1.48 -5.40
C LYS A 15 -4.03 0.96 -6.30
N CYS A 16 -4.02 -0.34 -6.55
CA CYS A 16 -3.01 -0.95 -7.39
C CYS A 16 -3.01 -0.32 -8.77
N THR A 17 -1.82 0.05 -9.26
CA THR A 17 -1.68 0.69 -10.56
C THR A 17 -1.93 -0.27 -11.73
N SER A 18 -2.23 -1.53 -11.44
CA SER A 18 -2.48 -2.50 -12.50
C SER A 18 -3.86 -3.11 -12.37
N CYS A 19 -4.12 -3.69 -11.21
CA CYS A 19 -5.40 -4.33 -10.95
C CYS A 19 -6.38 -3.41 -10.22
N ASN A 20 -5.88 -2.27 -9.72
CA ASN A 20 -6.72 -1.32 -9.01
C ASN A 20 -7.41 -1.98 -7.80
N GLU A 21 -6.60 -2.47 -6.87
CA GLU A 21 -7.12 -3.11 -5.67
C GLU A 21 -6.79 -2.29 -4.44
N MET A 22 -7.51 -2.55 -3.35
CA MET A 22 -7.29 -1.83 -2.10
C MET A 22 -6.26 -2.56 -1.23
N ASN A 23 -5.10 -1.93 -1.03
CA ASN A 23 -4.05 -2.53 -0.24
C ASN A 23 -3.60 -1.58 0.87
N PRO A 24 -3.27 -2.14 2.06
CA PRO A 24 -2.81 -1.34 3.20
C PRO A 24 -1.48 -0.66 2.93
N PRO A 25 -1.18 0.44 3.64
CA PRO A 25 0.06 1.18 3.47
C PRO A 25 1.29 0.29 3.62
N LEU A 26 1.17 -0.74 4.44
CA LEU A 26 2.27 -1.67 4.66
C LEU A 26 1.76 -3.12 4.73
N PRO A 27 2.23 -4.01 3.84
CA PRO A 27 3.22 -3.69 2.80
C PRO A 27 2.63 -2.82 1.69
N SER A 28 3.50 -2.16 0.93
CA SER A 28 3.07 -1.30 -0.16
C SER A 28 3.03 -2.06 -1.48
N HIS A 29 2.57 -3.31 -1.43
CA HIS A 29 2.49 -4.13 -2.63
C HIS A 29 1.20 -4.96 -2.65
N CYS A 30 0.54 -4.99 -3.78
CA CYS A 30 -0.71 -5.74 -3.93
C CYS A 30 -0.49 -7.22 -3.63
N ASN A 31 -1.15 -7.72 -2.60
CA ASN A 31 -1.02 -9.11 -2.21
C ASN A 31 -1.59 -10.04 -3.28
N ARG A 32 -2.39 -9.49 -4.18
CA ARG A 32 -3.01 -10.27 -5.25
C ARG A 32 -2.08 -10.42 -6.45
N CYS A 33 -2.01 -9.38 -7.27
CA CYS A 33 -1.18 -9.41 -8.47
C CYS A 33 0.31 -9.23 -8.14
N TRP A 34 0.61 -8.68 -6.96
CA TRP A 34 1.98 -8.46 -6.54
C TRP A 34 2.60 -7.29 -7.30
N ALA A 35 2.10 -6.08 -7.03
CA ALA A 35 2.60 -4.89 -7.70
C ALA A 35 2.76 -3.74 -6.70
N LEU A 36 4.01 -3.35 -6.45
CA LEU A 36 4.29 -2.27 -5.52
C LEU A 36 3.69 -0.95 -6.02
N ARG A 37 3.45 -0.03 -5.10
CA ARG A 37 2.88 1.27 -5.45
C ARG A 37 3.71 1.97 -6.52
N GLU A 38 3.14 2.99 -7.14
CA GLU A 38 3.83 3.74 -8.19
C GLU A 38 5.00 4.53 -7.60
N ASN A 39 4.85 4.96 -6.35
CA ASN A 39 5.89 5.73 -5.69
C ASN A 39 6.07 5.27 -4.24
N TRP A 40 7.14 4.52 -3.98
CA TRP A 40 7.41 4.02 -2.64
C TRP A 40 8.82 4.40 -2.20
N LEU A 41 9.78 4.23 -3.10
CA LEU A 41 11.17 4.55 -2.81
C LEU A 41 11.36 6.06 -2.66
N PRO A 42 12.26 6.49 -1.75
CA PRO A 42 12.52 7.92 -1.52
C PRO A 42 13.41 8.52 -2.61
N GLU A 43 12.95 8.44 -3.85
CA GLU A 43 13.71 8.98 -4.98
C GLU A 43 13.64 10.50 -4.99
N ASP A 44 14.78 11.15 -5.17
CA ASP A 44 14.86 12.60 -5.21
C ASP A 44 15.40 13.08 -6.55
N LYS A 45 14.50 13.40 -7.47
CA LYS A 45 14.90 13.87 -8.79
C LYS A 45 14.39 15.29 -9.03
N GLY A 46 13.08 15.46 -9.05
CA GLY A 46 12.49 16.77 -9.26
C GLY A 46 10.98 16.75 -9.18
ZN ZN B . -2.56 -5.58 -7.71
N SER A 1 -6.94 -6.21 3.07
CA SER A 1 -7.48 -7.56 2.75
C SER A 1 -6.92 -8.61 3.70
N PHE A 2 -6.29 -8.17 4.78
CA PHE A 2 -5.72 -9.09 5.77
C PHE A 2 -6.80 -9.61 6.70
N GLU A 3 -6.46 -10.63 7.50
CA GLU A 3 -7.41 -11.22 8.43
C GLU A 3 -7.52 -10.38 9.70
N GLU A 4 -8.40 -9.37 9.65
CA GLU A 4 -8.61 -8.49 10.78
C GLU A 4 -7.31 -7.77 11.16
N ASP A 5 -7.26 -6.47 10.90
CA ASP A 5 -6.09 -5.67 11.21
C ASP A 5 -6.49 -4.28 11.71
N PRO A 6 -6.61 -4.12 13.04
CA PRO A 6 -6.99 -2.83 13.64
C PRO A 6 -5.92 -1.76 13.45
N GLU A 7 -4.66 -2.21 13.35
CA GLU A 7 -3.54 -1.29 13.17
C GLU A 7 -3.69 -0.49 11.88
N ILE A 8 -3.42 0.80 11.96
CA ILE A 8 -3.52 1.68 10.80
C ILE A 8 -4.94 1.69 10.25
N SER A 9 -5.31 2.79 9.60
CA SER A 9 -6.65 2.93 9.03
C SER A 9 -6.69 2.40 7.60
N LEU A 10 -7.89 2.24 7.06
CA LEU A 10 -8.07 1.76 5.70
C LEU A 10 -7.95 2.88 4.67
N ALA A 11 -8.09 4.12 5.15
CA ALA A 11 -8.01 5.28 4.28
C ALA A 11 -6.63 5.42 3.65
N ASP A 12 -5.61 4.99 4.39
CA ASP A 12 -4.23 5.07 3.91
C ASP A 12 -3.98 4.10 2.76
N TYR A 13 -4.93 3.19 2.53
CA TYR A 13 -4.81 2.21 1.46
C TYR A 13 -4.48 2.86 0.12
N TRP A 14 -4.16 2.04 -0.88
CA TRP A 14 -3.82 2.54 -2.20
C TRP A 14 -4.46 1.68 -3.29
N LYS A 15 -4.40 2.17 -4.52
CA LYS A 15 -4.98 1.44 -5.65
C LYS A 15 -3.88 0.78 -6.49
N CYS A 16 -4.03 -0.52 -6.72
CA CYS A 16 -3.04 -1.27 -7.50
C CYS A 16 -2.96 -0.74 -8.93
N THR A 17 -1.73 -0.55 -9.40
CA THR A 17 -1.49 -0.03 -10.75
C THR A 17 -2.02 -0.97 -11.83
N SER A 18 -2.38 -2.21 -11.48
CA SER A 18 -2.88 -3.14 -12.47
C SER A 18 -4.32 -3.51 -12.16
N CYS A 19 -4.51 -4.22 -11.07
CA CYS A 19 -5.83 -4.66 -10.66
C CYS A 19 -6.65 -3.54 -10.01
N ASN A 20 -5.99 -2.43 -9.68
CA ASN A 20 -6.66 -1.29 -9.06
C ASN A 20 -7.43 -1.73 -7.81
N GLU A 21 -6.79 -2.56 -7.00
CA GLU A 21 -7.42 -3.04 -5.77
C GLU A 21 -7.00 -2.18 -4.58
N MET A 22 -7.71 -2.33 -3.48
CA MET A 22 -7.42 -1.58 -2.26
C MET A 22 -6.45 -2.35 -1.37
N ASN A 23 -5.19 -1.93 -1.40
CA ASN A 23 -4.16 -2.60 -0.60
C ASN A 23 -3.68 -1.70 0.54
N PRO A 24 -3.41 -2.30 1.71
CA PRO A 24 -2.94 -1.55 2.88
C PRO A 24 -1.53 -0.99 2.68
N PRO A 25 -1.13 0.00 3.47
CA PRO A 25 0.20 0.62 3.37
C PRO A 25 1.31 -0.38 3.60
N LEU A 26 1.05 -1.37 4.46
CA LEU A 26 2.04 -2.40 4.77
C LEU A 26 1.44 -3.80 4.57
N PRO A 27 1.92 -4.55 3.56
CA PRO A 27 2.99 -4.13 2.65
C PRO A 27 2.46 -3.21 1.55
N SER A 28 3.37 -2.49 0.92
CA SER A 28 2.99 -1.57 -0.16
C SER A 28 2.88 -2.30 -1.50
N HIS A 29 2.37 -3.52 -1.48
CA HIS A 29 2.21 -4.30 -2.70
C HIS A 29 0.88 -5.05 -2.70
N CYS A 30 0.49 -5.56 -3.85
CA CYS A 30 -0.78 -6.29 -3.99
C CYS A 30 -0.59 -7.78 -3.72
N ASN A 31 -1.53 -8.37 -2.98
CA ASN A 31 -1.47 -9.79 -2.67
C ASN A 31 -1.63 -10.66 -3.91
N ARG A 32 -2.23 -10.09 -4.96
CA ARG A 32 -2.45 -10.82 -6.20
C ARG A 32 -1.39 -10.51 -7.25
N CYS A 33 -1.35 -9.26 -7.70
CA CYS A 33 -0.38 -8.84 -8.72
C CYS A 33 0.85 -8.17 -8.13
N TRP A 34 0.98 -8.19 -6.81
CA TRP A 34 2.14 -7.60 -6.11
C TRP A 34 2.65 -6.34 -6.80
N ALA A 35 1.73 -5.56 -7.38
CA ALA A 35 2.11 -4.33 -8.05
C ALA A 35 2.48 -3.25 -7.03
N LEU A 36 3.74 -3.24 -6.63
CA LEU A 36 4.24 -2.26 -5.66
C LEU A 36 3.71 -0.87 -5.96
N ARG A 37 3.57 -0.05 -4.93
CA ARG A 37 3.07 1.31 -5.08
C ARG A 37 3.92 2.09 -6.08
N GLU A 38 3.31 3.07 -6.74
CA GLU A 38 4.02 3.89 -7.71
C GLU A 38 5.02 4.80 -7.02
N ASN A 39 4.69 5.25 -5.82
CA ASN A 39 5.56 6.12 -5.05
C ASN A 39 5.48 5.80 -3.56
N TRP A 40 6.46 5.06 -3.08
CA TRP A 40 6.51 4.68 -1.66
C TRP A 40 7.75 5.25 -0.98
N LEU A 41 8.88 5.16 -1.68
CA LEU A 41 10.14 5.66 -1.15
C LEU A 41 10.05 7.17 -0.85
N PRO A 42 10.27 7.58 0.41
CA PRO A 42 10.21 8.99 0.79
C PRO A 42 11.05 9.88 -0.12
N GLU A 43 10.41 10.43 -1.15
CA GLU A 43 11.10 11.30 -2.09
C GLU A 43 11.53 12.60 -1.42
N ASP A 44 12.07 13.52 -2.21
CA ASP A 44 12.53 14.80 -1.69
C ASP A 44 12.39 15.90 -2.74
N LYS A 45 13.33 15.93 -3.68
CA LYS A 45 13.31 16.93 -4.75
C LYS A 45 13.39 18.34 -4.17
N GLY A 46 13.51 19.32 -5.05
CA GLY A 46 13.59 20.71 -4.60
C GLY A 46 12.25 21.41 -4.67
ZN ZN B . -2.76 -5.88 -7.67
N SER A 1 -2.11 4.36 24.94
CA SER A 1 -1.15 4.06 23.85
C SER A 1 -1.86 3.91 22.51
N PHE A 2 -1.88 4.99 21.72
CA PHE A 2 -2.53 4.97 20.41
C PHE A 2 -1.51 5.15 19.30
N GLU A 3 -0.70 4.12 19.07
CA GLU A 3 0.31 4.16 18.02
C GLU A 3 0.14 3.00 17.05
N GLU A 4 -0.83 3.11 16.15
CA GLU A 4 -1.09 2.07 15.17
C GLU A 4 0.12 1.84 14.27
N ASP A 5 0.17 0.66 13.65
CA ASP A 5 1.27 0.32 12.76
C ASP A 5 1.08 -1.07 12.17
N PRO A 6 0.84 -2.09 13.02
CA PRO A 6 0.63 -3.47 12.57
C PRO A 6 -0.56 -3.60 11.63
N GLU A 7 -1.51 -2.67 11.77
CA GLU A 7 -2.70 -2.67 10.94
C GLU A 7 -3.30 -1.28 10.85
N ILE A 8 -2.89 -0.51 9.85
CA ILE A 8 -3.38 0.85 9.66
C ILE A 8 -4.80 0.83 9.09
N SER A 9 -5.53 1.92 9.30
CA SER A 9 -6.90 2.04 8.80
C SER A 9 -6.97 1.78 7.31
N LEU A 10 -8.16 1.92 6.74
CA LEU A 10 -8.36 1.70 5.32
C LEU A 10 -8.15 2.99 4.53
N ALA A 11 -8.25 4.13 5.21
CA ALA A 11 -8.09 5.42 4.58
C ALA A 11 -6.67 5.61 4.02
N ASP A 12 -5.71 4.91 4.60
CA ASP A 12 -4.32 5.01 4.17
C ASP A 12 -4.02 4.06 3.00
N TYR A 13 -4.97 3.16 2.71
CA TYR A 13 -4.79 2.20 1.62
C TYR A 13 -4.42 2.88 0.31
N TRP A 14 -4.08 2.07 -0.69
CA TRP A 14 -3.69 2.58 -1.99
C TRP A 14 -4.28 1.70 -3.10
N LYS A 15 -4.28 2.23 -4.33
CA LYS A 15 -4.82 1.49 -5.47
C LYS A 15 -3.69 0.94 -6.35
N CYS A 16 -3.72 -0.36 -6.58
CA CYS A 16 -2.70 -1.00 -7.41
C CYS A 16 -2.66 -0.38 -8.80
N THR A 17 -1.46 0.02 -9.23
CA THR A 17 -1.27 0.65 -10.53
C THR A 17 -1.45 -0.32 -11.70
N SER A 18 -1.75 -1.59 -11.40
CA SER A 18 -1.93 -2.57 -12.46
C SER A 18 -3.36 -3.12 -12.46
N CYS A 19 -3.74 -3.72 -11.34
CA CYS A 19 -5.06 -4.29 -11.20
C CYS A 19 -6.04 -3.35 -10.50
N ASN A 20 -5.51 -2.29 -9.89
CA ASN A 20 -6.36 -1.32 -9.20
C ASN A 20 -7.12 -1.94 -8.03
N GLU A 21 -6.39 -2.38 -7.01
CA GLU A 21 -7.00 -2.99 -5.83
C GLU A 21 -6.66 -2.17 -4.58
N MET A 22 -7.44 -2.35 -3.53
CA MET A 22 -7.23 -1.63 -2.28
C MET A 22 -6.32 -2.43 -1.34
N ASN A 23 -5.05 -2.03 -1.28
CA ASN A 23 -4.09 -2.71 -0.42
C ASN A 23 -3.62 -1.79 0.71
N PRO A 24 -3.42 -2.34 1.92
CA PRO A 24 -2.96 -1.56 3.07
C PRO A 24 -1.54 -1.03 2.88
N PRO A 25 -1.14 -0.04 3.69
CA PRO A 25 0.20 0.56 3.62
C PRO A 25 1.30 -0.47 3.80
N LEU A 26 1.03 -1.49 4.62
CA LEU A 26 1.99 -2.55 4.88
C LEU A 26 1.38 -3.93 4.61
N PRO A 27 1.93 -4.69 3.64
CA PRO A 27 3.07 -4.27 2.82
C PRO A 27 2.67 -3.30 1.72
N SER A 28 3.65 -2.58 1.18
CA SER A 28 3.39 -1.62 0.11
C SER A 28 3.33 -2.30 -1.25
N HIS A 29 2.67 -3.46 -1.30
CA HIS A 29 2.52 -4.20 -2.56
C HIS A 29 1.17 -4.89 -2.63
N CYS A 30 0.64 -5.02 -3.84
CA CYS A 30 -0.66 -5.65 -4.05
C CYS A 30 -0.62 -7.12 -3.63
N ASN A 31 -1.43 -7.47 -2.65
CA ASN A 31 -1.49 -8.85 -2.17
C ASN A 31 -2.27 -9.75 -3.14
N ARG A 32 -2.83 -9.15 -4.19
CA ARG A 32 -3.59 -9.90 -5.18
C ARG A 32 -2.73 -10.26 -6.39
N CYS A 33 -2.26 -9.24 -7.11
CA CYS A 33 -1.43 -9.46 -8.29
C CYS A 33 0.06 -9.32 -7.99
N TRP A 34 0.38 -8.84 -6.78
CA TRP A 34 1.77 -8.66 -6.38
C TRP A 34 2.42 -7.52 -7.16
N ALA A 35 2.08 -6.29 -6.81
CA ALA A 35 2.63 -5.11 -7.47
C ALA A 35 2.83 -3.96 -6.49
N LEU A 36 4.07 -3.56 -6.30
CA LEU A 36 4.39 -2.46 -5.39
C LEU A 36 3.72 -1.17 -5.85
N ARG A 37 3.28 -0.37 -4.89
CA ARG A 37 2.60 0.90 -5.20
C ARG A 37 3.42 1.72 -6.20
N GLU A 38 2.76 2.66 -6.86
CA GLU A 38 3.42 3.52 -7.84
C GLU A 38 3.63 4.92 -7.28
N ASN A 39 3.77 5.02 -5.97
CA ASN A 39 3.98 6.31 -5.31
C ASN A 39 4.82 6.15 -4.04
N TRP A 40 6.14 6.05 -4.22
CA TRP A 40 7.04 5.89 -3.09
C TRP A 40 8.44 6.39 -3.44
N LEU A 41 8.97 5.89 -4.55
CA LEU A 41 10.30 6.28 -5.01
C LEU A 41 10.28 7.69 -5.62
N PRO A 42 11.33 8.49 -5.36
CA PRO A 42 11.42 9.85 -5.88
C PRO A 42 11.28 9.90 -7.39
N GLU A 43 10.32 10.69 -7.86
CA GLU A 43 10.07 10.83 -9.30
C GLU A 43 11.23 11.54 -9.99
N ASP A 44 11.17 11.62 -11.31
CA ASP A 44 12.22 12.28 -12.08
C ASP A 44 12.28 13.77 -11.77
N LYS A 45 13.08 14.13 -10.77
CA LYS A 45 13.23 15.52 -10.37
C LYS A 45 14.15 16.26 -11.34
N GLY A 46 15.17 15.58 -11.83
CA GLY A 46 16.10 16.20 -12.75
C GLY A 46 16.29 15.38 -14.02
ZN ZN B . -2.68 -5.50 -8.04
N SER A 1 -10.84 9.52 23.71
CA SER A 1 -10.23 8.18 23.51
C SER A 1 -11.30 7.09 23.45
N PHE A 2 -12.01 7.03 22.33
CA PHE A 2 -13.06 6.04 22.14
C PHE A 2 -12.73 5.11 20.97
N GLU A 3 -12.16 5.66 19.92
CA GLU A 3 -11.80 4.89 18.74
C GLU A 3 -10.29 4.97 18.48
N GLU A 4 -9.51 4.89 19.55
CA GLU A 4 -8.06 4.95 19.43
C GLU A 4 -7.53 3.79 18.59
N ASP A 5 -7.34 4.06 17.30
CA ASP A 5 -6.84 3.04 16.37
C ASP A 5 -5.43 3.38 15.92
N PRO A 6 -4.41 3.06 16.74
CA PRO A 6 -3.02 3.32 16.40
C PRO A 6 -2.46 2.36 15.36
N GLU A 7 -3.27 1.38 14.96
CA GLU A 7 -2.85 0.41 13.97
C GLU A 7 -3.26 0.83 12.56
N ILE A 8 -3.38 2.14 12.35
CA ILE A 8 -3.75 2.67 11.06
C ILE A 8 -5.13 2.15 10.62
N SER A 9 -5.81 2.92 9.78
CA SER A 9 -7.14 2.54 9.30
C SER A 9 -7.06 1.99 7.88
N LEU A 10 -8.21 1.63 7.32
CA LEU A 10 -8.28 1.09 5.97
C LEU A 10 -8.34 2.22 4.93
N ALA A 11 -8.65 3.43 5.37
CA ALA A 11 -8.75 4.57 4.49
C ALA A 11 -7.39 4.90 3.86
N ASP A 12 -6.32 4.63 4.60
CA ASP A 12 -4.97 4.89 4.12
C ASP A 12 -4.60 3.96 2.97
N TYR A 13 -5.41 2.93 2.75
CA TYR A 13 -5.15 1.97 1.68
C TYR A 13 -4.90 2.67 0.34
N TRP A 14 -4.32 1.93 -0.60
CA TRP A 14 -4.02 2.47 -1.92
C TRP A 14 -4.57 1.57 -3.02
N LYS A 15 -4.90 2.17 -4.16
CA LYS A 15 -5.43 1.41 -5.30
C LYS A 15 -4.31 0.98 -6.24
N CYS A 16 -4.30 -0.30 -6.58
CA CYS A 16 -3.29 -0.85 -7.47
C CYS A 16 -3.39 -0.22 -8.86
N THR A 17 -2.27 0.30 -9.35
CA THR A 17 -2.22 0.94 -10.66
C THR A 17 -2.30 -0.06 -11.81
N SER A 18 -2.39 -1.35 -11.49
CA SER A 18 -2.47 -2.38 -12.53
C SER A 18 -3.79 -3.12 -12.47
N CYS A 19 -4.07 -3.70 -11.32
CA CYS A 19 -5.30 -4.46 -11.13
C CYS A 19 -6.39 -3.62 -10.47
N ASN A 20 -6.02 -2.47 -9.91
CA ASN A 20 -6.99 -1.60 -9.25
C ASN A 20 -7.64 -2.30 -8.07
N GLU A 21 -6.84 -2.69 -7.09
CA GLU A 21 -7.34 -3.36 -5.90
C GLU A 21 -7.03 -2.56 -4.64
N MET A 22 -7.66 -2.93 -3.54
CA MET A 22 -7.45 -2.24 -2.27
C MET A 22 -6.32 -2.90 -1.49
N ASN A 23 -5.23 -2.16 -1.29
CA ASN A 23 -4.09 -2.68 -0.55
C ASN A 23 -3.70 -1.76 0.60
N PRO A 24 -3.31 -2.34 1.74
CA PRO A 24 -2.91 -1.56 2.91
C PRO A 24 -1.59 -0.83 2.71
N PRO A 25 -1.29 0.19 3.52
CA PRO A 25 -0.05 0.95 3.42
C PRO A 25 1.19 0.07 3.56
N LEU A 26 1.07 -0.98 4.36
CA LEU A 26 2.17 -1.92 4.57
C LEU A 26 1.67 -3.36 4.56
N PRO A 27 2.22 -4.22 3.67
CA PRO A 27 3.28 -3.85 2.72
C PRO A 27 2.76 -2.93 1.62
N SER A 28 3.69 -2.25 0.96
CA SER A 28 3.34 -1.32 -0.12
C SER A 28 3.29 -2.05 -1.47
N HIS A 29 2.59 -3.17 -1.50
CA HIS A 29 2.47 -3.96 -2.73
C HIS A 29 1.18 -4.77 -2.72
N CYS A 30 0.59 -4.94 -3.91
CA CYS A 30 -0.65 -5.69 -4.05
C CYS A 30 -0.44 -7.16 -3.71
N ASN A 31 -1.18 -7.66 -2.73
CA ASN A 31 -1.07 -9.05 -2.31
C ASN A 31 -1.69 -10.00 -3.35
N ARG A 32 -2.35 -9.44 -4.35
CA ARG A 32 -2.98 -10.25 -5.39
C ARG A 32 -2.09 -10.35 -6.63
N CYS A 33 -1.82 -9.22 -7.25
CA CYS A 33 -1.00 -9.18 -8.46
C CYS A 33 0.46 -8.86 -8.13
N TRP A 34 0.71 -8.21 -7.00
CA TRP A 34 2.06 -7.84 -6.60
C TRP A 34 2.68 -6.87 -7.62
N ALA A 35 2.06 -5.70 -7.75
CA ALA A 35 2.53 -4.68 -8.68
C ALA A 35 3.45 -3.67 -7.98
N LEU A 36 3.31 -3.56 -6.67
CA LEU A 36 4.12 -2.63 -5.89
C LEU A 36 3.81 -1.19 -6.26
N ARG A 37 3.71 -0.33 -5.25
CA ARG A 37 3.40 1.08 -5.48
C ARG A 37 4.41 1.71 -6.43
N GLU A 38 3.99 2.77 -7.11
CA GLU A 38 4.85 3.47 -8.06
C GLU A 38 5.90 4.29 -7.33
N ASN A 39 5.55 4.79 -6.15
CA ASN A 39 6.47 5.59 -5.35
C ASN A 39 6.38 5.20 -3.88
N TRP A 40 7.34 4.39 -3.43
CA TRP A 40 7.37 3.95 -2.04
C TRP A 40 8.66 4.41 -1.36
N LEU A 41 9.77 4.30 -2.07
CA LEU A 41 11.06 4.71 -1.53
C LEU A 41 11.15 6.22 -1.40
N PRO A 42 11.20 6.74 -0.16
CA PRO A 42 11.27 8.19 0.08
C PRO A 42 12.51 8.81 -0.54
N GLU A 43 12.38 10.05 -0.99
CA GLU A 43 13.50 10.77 -1.62
C GLU A 43 14.69 10.86 -0.68
N ASP A 44 15.87 10.57 -1.19
CA ASP A 44 17.09 10.62 -0.39
C ASP A 44 17.57 12.06 -0.20
N LYS A 45 17.17 12.66 0.93
CA LYS A 45 17.55 14.04 1.23
C LYS A 45 18.91 14.08 1.91
N GLY A 46 19.88 14.72 1.25
CA GLY A 46 21.21 14.82 1.81
C GLY A 46 22.00 13.53 1.69
ZN ZN B . -2.65 -5.41 -7.79
N SER A 1 -7.15 -6.00 25.66
CA SER A 1 -5.77 -6.53 25.79
C SER A 1 -5.00 -6.35 24.49
N PHE A 2 -5.02 -5.13 23.95
CA PHE A 2 -4.32 -4.82 22.71
C PHE A 2 -4.19 -3.32 22.53
N GLU A 3 -2.97 -2.87 22.24
CA GLU A 3 -2.71 -1.45 22.04
C GLU A 3 -3.03 -1.04 20.60
N GLU A 4 -4.18 -0.38 20.42
CA GLU A 4 -4.59 0.06 19.10
C GLU A 4 -3.58 1.03 18.51
N ASP A 5 -3.00 0.65 17.37
CA ASP A 5 -2.01 1.49 16.69
C ASP A 5 -1.52 0.81 15.42
N PRO A 6 -1.00 -0.44 15.54
CA PRO A 6 -0.49 -1.18 14.38
C PRO A 6 -1.50 -1.26 13.25
N GLU A 7 -2.69 -1.76 13.56
CA GLU A 7 -3.76 -1.89 12.58
C GLU A 7 -4.18 -0.52 12.05
N ILE A 8 -3.43 0.00 11.09
CA ILE A 8 -3.73 1.31 10.50
C ILE A 8 -5.11 1.31 9.85
N SER A 9 -5.69 2.49 9.71
CA SER A 9 -7.01 2.63 9.10
C SER A 9 -6.98 2.23 7.63
N LEU A 10 -8.14 1.90 7.08
CA LEU A 10 -8.24 1.49 5.69
C LEU A 10 -8.19 2.70 4.76
N ALA A 11 -8.38 3.88 5.30
CA ALA A 11 -8.35 5.11 4.52
C ALA A 11 -6.97 5.36 3.91
N ASP A 12 -5.94 4.89 4.60
CA ASP A 12 -4.56 5.07 4.13
C ASP A 12 -4.24 4.12 2.98
N TYR A 13 -5.12 3.17 2.72
CA TYR A 13 -4.91 2.20 1.65
C TYR A 13 -4.62 2.88 0.31
N TRP A 14 -4.22 2.08 -0.66
CA TRP A 14 -3.92 2.59 -2.00
C TRP A 14 -4.52 1.69 -3.07
N LYS A 15 -4.56 2.19 -4.31
CA LYS A 15 -5.12 1.44 -5.42
C LYS A 15 -4.02 0.89 -6.32
N CYS A 16 -4.16 -0.37 -6.73
CA CYS A 16 -3.18 -1.01 -7.61
C CYS A 16 -3.29 -0.45 -9.02
N THR A 17 -2.19 0.08 -9.53
CA THR A 17 -2.16 0.66 -10.88
C THR A 17 -2.23 -0.41 -11.97
N SER A 18 -2.30 -1.68 -11.60
CA SER A 18 -2.36 -2.75 -12.58
C SER A 18 -3.70 -3.46 -12.52
N CYS A 19 -4.04 -3.99 -11.36
CA CYS A 19 -5.28 -4.71 -11.16
C CYS A 19 -6.39 -3.82 -10.58
N ASN A 20 -6.00 -2.69 -9.99
CA ASN A 20 -6.96 -1.77 -9.40
C ASN A 20 -7.63 -2.38 -8.17
N GLU A 21 -6.82 -2.67 -7.14
CA GLU A 21 -7.34 -3.25 -5.90
C GLU A 21 -6.95 -2.41 -4.70
N MET A 22 -7.59 -2.69 -3.57
CA MET A 22 -7.31 -1.96 -2.33
C MET A 22 -6.26 -2.69 -1.50
N ASN A 23 -5.17 -1.99 -1.18
CA ASN A 23 -4.10 -2.59 -0.38
C ASN A 23 -3.65 -1.65 0.73
N PRO A 24 -3.28 -2.21 1.90
CA PRO A 24 -2.83 -1.42 3.04
C PRO A 24 -1.48 -0.78 2.79
N PRO A 25 -1.14 0.28 3.55
CA PRO A 25 0.14 0.99 3.41
C PRO A 25 1.32 0.05 3.52
N LEU A 26 1.17 -1.01 4.31
CA LEU A 26 2.24 -1.99 4.50
C LEU A 26 1.66 -3.41 4.50
N PRO A 27 2.15 -4.30 3.61
CA PRO A 27 3.21 -3.99 2.65
C PRO A 27 2.73 -3.04 1.54
N SER A 28 3.66 -2.40 0.86
CA SER A 28 3.34 -1.48 -0.22
C SER A 28 3.28 -2.21 -1.57
N HIS A 29 2.60 -3.35 -1.59
CA HIS A 29 2.47 -4.14 -2.81
C HIS A 29 1.17 -4.93 -2.80
N CYS A 30 0.55 -5.06 -3.97
CA CYS A 30 -0.70 -5.80 -4.10
C CYS A 30 -0.53 -7.26 -3.72
N ASN A 31 -1.26 -7.70 -2.70
CA ASN A 31 -1.18 -9.08 -2.24
C ASN A 31 -1.82 -10.05 -3.23
N ARG A 32 -2.48 -9.51 -4.25
CA ARG A 32 -3.13 -10.34 -5.26
C ARG A 32 -2.26 -10.51 -6.50
N CYS A 33 -2.06 -9.42 -7.24
CA CYS A 33 -1.26 -9.45 -8.46
C CYS A 33 0.22 -9.16 -8.17
N TRP A 34 0.51 -8.63 -6.99
CA TRP A 34 1.90 -8.31 -6.63
C TRP A 34 2.43 -7.13 -7.43
N ALA A 35 1.98 -5.92 -7.08
CA ALA A 35 2.42 -4.72 -7.77
C ALA A 35 2.72 -3.59 -6.79
N LEU A 36 4.00 -3.35 -6.55
CA LEU A 36 4.42 -2.30 -5.63
C LEU A 36 3.86 -0.94 -6.05
N ARG A 37 3.61 -0.08 -5.07
CA ARG A 37 3.07 1.25 -5.32
C ARG A 37 3.96 2.00 -6.32
N GLU A 38 3.54 3.22 -6.67
CA GLU A 38 4.29 4.04 -7.61
C GLU A 38 5.25 4.96 -6.87
N ASN A 39 4.84 5.42 -5.70
CA ASN A 39 5.67 6.31 -4.89
C ASN A 39 5.94 5.71 -3.52
N TRP A 40 7.02 4.92 -3.43
CA TRP A 40 7.39 4.28 -2.17
C TRP A 40 8.80 4.70 -1.75
N LEU A 41 9.71 4.71 -2.70
CA LEU A 41 11.10 5.09 -2.43
C LEU A 41 11.19 6.55 -1.99
N PRO A 42 11.90 6.83 -0.88
CA PRO A 42 12.05 8.20 -0.38
C PRO A 42 12.89 9.07 -1.30
N GLU A 43 14.05 8.55 -1.70
CA GLU A 43 14.95 9.27 -2.58
C GLU A 43 14.43 9.27 -4.01
N ASP A 44 14.54 10.42 -4.68
CA ASP A 44 14.08 10.55 -6.06
C ASP A 44 15.24 10.87 -6.99
N LYS A 45 15.64 12.14 -6.99
CA LYS A 45 16.74 12.59 -7.83
C LYS A 45 17.44 13.80 -7.22
N GLY A 46 18.74 13.65 -6.96
CA GLY A 46 19.50 14.74 -6.37
C GLY A 46 18.99 15.13 -5.00
ZN ZN B . -2.77 -5.64 -7.89
N SER A 1 -15.51 -5.21 0.96
CA SER A 1 -16.85 -5.47 1.54
C SER A 1 -16.78 -5.58 3.07
N PHE A 2 -15.85 -6.40 3.54
CA PHE A 2 -15.67 -6.59 4.98
C PHE A 2 -14.21 -6.86 5.32
N GLU A 3 -13.56 -5.85 5.91
CA GLU A 3 -12.16 -5.98 6.29
C GLU A 3 -11.85 -5.16 7.53
N GLU A 4 -11.79 -5.83 8.69
CA GLU A 4 -11.51 -5.16 9.94
C GLU A 4 -10.12 -4.53 9.94
N ASP A 5 -9.85 -3.68 10.92
CA ASP A 5 -8.56 -3.01 11.03
C ASP A 5 -7.75 -3.60 12.19
N PRO A 6 -6.91 -4.62 11.92
CA PRO A 6 -6.09 -5.26 12.94
C PRO A 6 -4.98 -4.34 13.45
N GLU A 7 -4.48 -3.48 12.58
CA GLU A 7 -3.42 -2.56 12.93
C GLU A 7 -3.56 -1.23 12.19
N ILE A 8 -3.23 -1.25 10.90
CA ILE A 8 -3.32 -0.06 10.07
C ILE A 8 -4.75 0.23 9.66
N SER A 9 -5.04 1.49 9.34
CA SER A 9 -6.37 1.90 8.94
C SER A 9 -6.60 1.61 7.46
N LEU A 10 -7.85 1.74 7.01
CA LEU A 10 -8.20 1.48 5.62
C LEU A 10 -8.12 2.77 4.79
N ALA A 11 -8.20 3.91 5.45
CA ALA A 11 -8.15 5.20 4.79
C ALA A 11 -6.80 5.44 4.11
N ASP A 12 -5.78 4.71 4.56
CA ASP A 12 -4.44 4.87 4.00
C ASP A 12 -4.20 3.93 2.81
N TYR A 13 -5.15 3.01 2.58
CA TYR A 13 -5.02 2.06 1.48
C TYR A 13 -4.80 2.76 0.15
N TRP A 14 -4.41 1.99 -0.86
CA TRP A 14 -4.15 2.53 -2.19
C TRP A 14 -4.74 1.62 -3.27
N LYS A 15 -4.81 2.14 -4.49
CA LYS A 15 -5.35 1.36 -5.60
C LYS A 15 -4.23 0.88 -6.52
N CYS A 16 -4.18 -0.43 -6.74
CA CYS A 16 -3.16 -1.02 -7.60
C CYS A 16 -3.21 -0.41 -9.00
N THR A 17 -2.06 0.02 -9.50
CA THR A 17 -1.96 0.63 -10.82
C THR A 17 -2.08 -0.40 -11.94
N SER A 18 -2.24 -1.68 -11.60
CA SER A 18 -2.36 -2.72 -12.60
C SER A 18 -3.72 -3.40 -12.52
N CYS A 19 -4.03 -3.93 -11.35
CA CYS A 19 -5.30 -4.62 -11.14
C CYS A 19 -6.35 -3.71 -10.52
N ASN A 20 -5.93 -2.55 -10.01
CA ASN A 20 -6.86 -1.60 -9.40
C ASN A 20 -7.59 -2.24 -8.22
N GLU A 21 -6.83 -2.67 -7.21
CA GLU A 21 -7.41 -3.29 -6.03
C GLU A 21 -7.05 -2.49 -4.77
N MET A 22 -7.74 -2.79 -3.67
CA MET A 22 -7.51 -2.11 -2.41
C MET A 22 -6.37 -2.79 -1.65
N ASN A 23 -5.33 -2.02 -1.36
CA ASN A 23 -4.17 -2.56 -0.64
C ASN A 23 -3.73 -1.61 0.48
N PRO A 24 -3.31 -2.17 1.63
CA PRO A 24 -2.87 -1.38 2.78
C PRO A 24 -1.53 -0.68 2.52
N PRO A 25 -1.28 0.45 3.22
CA PRO A 25 -0.04 1.22 3.06
C PRO A 25 1.19 0.37 3.34
N LEU A 26 1.09 -0.53 4.31
CA LEU A 26 2.21 -1.41 4.67
C LEU A 26 1.74 -2.85 4.81
N PRO A 27 2.24 -3.77 3.96
CA PRO A 27 3.22 -3.45 2.90
C PRO A 27 2.60 -2.62 1.79
N SER A 28 3.45 -1.96 1.00
CA SER A 28 2.99 -1.13 -0.10
C SER A 28 2.92 -1.93 -1.40
N HIS A 29 2.49 -3.18 -1.30
CA HIS A 29 2.37 -4.05 -2.47
C HIS A 29 1.00 -4.72 -2.51
N CYS A 30 0.53 -5.02 -3.71
CA CYS A 30 -0.76 -5.66 -3.88
C CYS A 30 -0.73 -7.13 -3.46
N ASN A 31 -1.52 -7.47 -2.46
CA ASN A 31 -1.57 -8.83 -1.95
C ASN A 31 -2.21 -9.78 -2.96
N ARG A 32 -2.80 -9.23 -4.01
CA ARG A 32 -3.46 -10.03 -5.04
C ARG A 32 -2.51 -10.31 -6.21
N CYS A 33 -2.20 -9.27 -6.98
CA CYS A 33 -1.32 -9.40 -8.14
C CYS A 33 0.15 -9.15 -7.77
N TRP A 34 0.38 -8.48 -6.65
CA TRP A 34 1.74 -8.18 -6.21
C TRP A 34 2.39 -7.15 -7.12
N ALA A 35 1.99 -5.89 -6.95
CA ALA A 35 2.53 -4.80 -7.74
C ALA A 35 2.85 -3.60 -6.85
N LEU A 36 4.10 -3.51 -6.40
CA LEU A 36 4.54 -2.42 -5.55
C LEU A 36 4.06 -1.06 -6.07
N ARG A 37 3.75 -0.16 -5.16
CA ARG A 37 3.28 1.18 -5.53
C ARG A 37 4.26 1.85 -6.49
N GLU A 38 3.84 2.98 -7.05
CA GLU A 38 4.67 3.72 -7.99
C GLU A 38 5.64 4.64 -7.25
N ASN A 39 5.21 5.12 -6.09
CA ASN A 39 6.04 6.02 -5.28
C ASN A 39 5.94 5.67 -3.80
N TRP A 40 7.06 5.27 -3.21
CA TRP A 40 7.10 4.92 -1.80
C TRP A 40 8.50 5.12 -1.22
N LEU A 41 9.49 4.54 -1.89
CA LEU A 41 10.87 4.65 -1.46
C LEU A 41 11.45 6.00 -1.84
N PRO A 42 12.35 6.56 -1.01
CA PRO A 42 12.99 7.85 -1.28
C PRO A 42 14.02 7.78 -2.40
N GLU A 43 13.54 7.62 -3.63
CA GLU A 43 14.42 7.53 -4.78
C GLU A 43 15.19 8.84 -4.98
N ASP A 44 16.48 8.71 -5.30
CA ASP A 44 17.32 9.88 -5.52
C ASP A 44 17.99 9.81 -6.88
N LYS A 45 18.39 10.98 -7.40
CA LYS A 45 19.05 11.05 -8.70
C LYS A 45 20.40 10.35 -8.66
N GLY A 46 21.19 10.64 -7.64
CA GLY A 46 22.50 10.04 -7.50
C GLY A 46 23.62 11.03 -7.78
ZN ZN B . -2.72 -5.54 -7.80
#